data_7YTV
#
_entry.id   7YTV
#
_cell.length_a   152.814
_cell.length_b   152.814
_cell.length_c   135.178
_cell.angle_alpha   90.000
_cell.angle_beta   90.000
_cell.angle_gamma   120.000
#
_symmetry.space_group_name_H-M   'P 32 2 1'
#
loop_
_entity.id
_entity.type
_entity.pdbx_description
1 polymer 'Thioredoxin reductase'
2 non-polymer 'NADP NICOTINAMIDE-ADENINE-DINUCLEOTIDE PHOSPHATE'
3 non-polymer 'FLAVIN-ADENINE DINUCLEOTIDE'
4 water water
#
_entity_poly.entity_id   1
_entity_poly.type   'polypeptide(L)'
_entity_poly.pdbx_seq_one_letter_code
;MVHTKVVIIGSGPAAHTAAIYLSRAELKPVLYEGMLANGTAAGGQLTTTTDIENFPGFPDGIGGAELMENMRKQSIRFGT
EVITETISRVDLSSKPFKLWTEWNDGPDKEPACTADAVIIATGANARRLNLPGEETYWQNGISACAVCDGAVPIFRNKPL
YVIGGGDSAAEEAMFLAKYGSSVTVLVRRDKLRASKAMAKRLLAHPKVTVRFNTVATEVLGEKKPNGLMTHLRIKNTVTG
EEEIVDANGLFYAVGHDPATALVKGQIDLDEDGYIITKPGTSYTSREGVFACGDVQDKRYRQAITSAGSGCIAALEAEKF
IAEAESPEEEPVAVSAQKSADNSTIQPAAQEVNGDVKKDPKGAVPEYKSNPLL
;
_entity_poly.pdbx_strand_id   A,B
#
loop_
_chem_comp.id
_chem_comp.type
_chem_comp.name
_chem_comp.formula
FAD non-polymer 'FLAVIN-ADENINE DINUCLEOTIDE' 'C27 H33 N9 O15 P2'
NAP non-polymer 'NADP NICOTINAMIDE-ADENINE-DINUCLEOTIDE PHOSPHATE' 'C21 H28 N7 O17 P3'
#
# COMPACT_ATOMS: atom_id res chain seq x y z
N VAL A 2 -17.25 -6.50 -27.05
CA VAL A 2 -16.19 -7.12 -26.27
C VAL A 2 -16.68 -7.41 -24.86
N HIS A 3 -16.00 -8.33 -24.18
CA HIS A 3 -16.36 -8.70 -22.82
C HIS A 3 -15.13 -9.26 -22.13
N THR A 4 -14.96 -8.90 -20.86
CA THR A 4 -13.79 -9.30 -20.09
C THR A 4 -14.23 -9.76 -18.71
N LYS A 5 -13.27 -10.27 -17.94
CA LYS A 5 -13.54 -10.76 -16.59
C LYS A 5 -13.86 -9.61 -15.65
N VAL A 6 -12.87 -8.76 -15.36
CA VAL A 6 -13.04 -7.61 -14.48
C VAL A 6 -12.42 -6.39 -15.15
N VAL A 7 -13.19 -5.32 -15.24
CA VAL A 7 -12.73 -4.07 -15.85
C VAL A 7 -12.23 -3.13 -14.77
N ILE A 8 -11.09 -2.49 -15.02
CA ILE A 8 -10.48 -1.57 -14.07
C ILE A 8 -10.43 -0.19 -14.71
N ILE A 9 -11.10 0.78 -14.11
CA ILE A 9 -11.19 2.13 -14.64
C ILE A 9 -10.15 2.99 -13.93
N GLY A 10 -9.28 3.63 -14.71
CA GLY A 10 -8.25 4.49 -14.18
C GLY A 10 -6.87 4.07 -14.66
N SER A 11 -5.95 5.01 -14.53
CA SER A 11 -4.53 4.83 -14.81
C SER A 11 -3.76 4.95 -13.51
N PRO A 13 -1.78 4.57 -9.81
CA PRO A 13 -0.90 3.45 -9.51
C PRO A 13 -1.67 2.25 -8.97
N ALA A 14 -2.65 2.50 -8.11
CA ALA A 14 -3.44 1.43 -7.54
C ALA A 14 -4.16 0.69 -8.66
N ALA A 15 -4.65 1.42 -9.65
CA ALA A 15 -5.36 0.80 -10.76
C ALA A 15 -4.44 -0.13 -11.54
N HIS A 16 -3.21 0.32 -11.79
CA HIS A 16 -2.18 -0.53 -12.38
C HIS A 16 -1.79 -1.67 -11.45
N THR A 17 -1.77 -1.43 -10.14
CA THR A 17 -1.48 -2.52 -9.21
C THR A 17 -2.61 -3.54 -9.20
N ALA A 18 -3.87 -3.08 -9.17
CA ALA A 18 -5.00 -3.98 -9.26
C ALA A 18 -4.95 -4.79 -10.55
N ALA A 19 -4.58 -4.15 -11.65
CA ALA A 19 -4.50 -4.85 -12.93
C ALA A 19 -3.35 -5.86 -12.94
N ILE A 20 -2.22 -5.51 -12.33
CA ILE A 20 -1.11 -6.45 -12.22
C ILE A 20 -1.54 -7.69 -11.46
N TYR A 21 -2.23 -7.51 -10.33
CA TYR A 21 -2.66 -8.65 -9.54
C TYR A 21 -3.75 -9.45 -10.23
N LEU A 22 -4.62 -8.79 -11.01
CA LEU A 22 -5.66 -9.51 -11.74
C LEU A 22 -5.07 -10.33 -12.89
N SER A 23 -4.18 -9.73 -13.67
CA SER A 23 -3.57 -10.44 -14.79
C SER A 23 -2.61 -11.51 -14.31
N ARG A 24 -2.01 -11.33 -13.13
CA ARG A 24 -1.15 -12.39 -12.60
C ARG A 24 -1.97 -13.61 -12.22
N ALA A 25 -3.19 -13.41 -11.73
CA ALA A 25 -4.10 -14.50 -11.41
C ALA A 25 -4.75 -15.12 -12.64
N GLU A 26 -4.29 -14.74 -13.84
CA GLU A 26 -4.75 -15.32 -15.11
C GLU A 26 -6.26 -15.08 -15.31
N LEU A 27 -6.63 -13.81 -15.30
CA LEU A 27 -7.96 -13.37 -15.68
C LEU A 27 -7.87 -12.54 -16.96
N LYS A 28 -9.00 -11.95 -17.35
CA LYS A 28 -9.04 -11.02 -18.47
C LYS A 28 -9.36 -9.63 -17.95
N PRO A 29 -8.36 -8.88 -17.46
CA PRO A 29 -8.63 -7.57 -16.88
C PRO A 29 -8.33 -6.43 -17.84
N VAL A 30 -9.37 -5.74 -18.31
CA VAL A 30 -9.17 -4.60 -19.21
C VAL A 30 -8.92 -3.36 -18.37
N LEU A 31 -7.76 -2.75 -18.57
CA LEU A 31 -7.36 -1.53 -17.87
C LEU A 31 -7.56 -0.34 -18.78
N TYR A 32 -8.26 0.68 -18.30
CA TYR A 32 -8.61 1.84 -19.09
C TYR A 32 -7.80 3.04 -18.62
N GLU A 33 -6.68 3.32 -19.31
CA GLU A 33 -5.95 4.55 -19.05
C GLU A 33 -6.71 5.75 -19.62
N GLY A 34 -7.30 5.60 -20.80
CA GLY A 34 -7.98 6.69 -21.46
C GLY A 34 -7.01 7.64 -22.13
N MET A 35 -7.32 8.06 -23.35
CA MET A 35 -6.51 9.06 -24.04
C MET A 35 -6.53 10.35 -23.24
N ALA A 37 -7.82 10.88 -20.17
CA ALA A 37 -9.25 10.94 -19.93
C ALA A 37 -9.63 12.07 -18.98
N ASN A 38 -10.85 12.58 -19.16
CA ASN A 38 -11.41 13.63 -18.31
C ASN A 38 -10.50 14.84 -18.23
N GLN A 45 -1.83 10.39 -12.27
CA GLN A 45 -1.52 11.76 -11.86
C GLN A 45 -0.05 11.88 -11.48
N LEU A 46 0.55 10.75 -11.07
CA LEU A 46 1.96 10.77 -10.69
C LEU A 46 2.86 11.18 -11.85
N THR A 47 2.39 10.99 -13.09
CA THR A 47 3.17 11.43 -14.24
C THR A 47 3.42 12.93 -14.21
N THR A 48 2.55 13.70 -13.57
CA THR A 48 2.79 15.12 -13.40
C THR A 48 3.93 15.39 -12.41
N THR A 49 4.21 14.44 -11.51
CA THR A 49 5.29 14.60 -10.54
C THR A 49 6.63 14.40 -11.23
N THR A 50 7.54 15.36 -11.04
CA THR A 50 8.87 15.26 -11.65
C THR A 50 9.68 14.14 -11.02
N ASP A 51 9.86 14.18 -9.71
CA ASP A 51 10.68 13.21 -9.00
C ASP A 51 9.95 12.75 -7.75
N ILE A 52 10.09 11.47 -7.42
CA ILE A 52 9.39 10.85 -6.29
C ILE A 52 10.43 10.15 -5.42
N GLU A 53 10.67 10.70 -4.23
CA GLU A 53 11.47 10.02 -3.22
C GLU A 53 10.61 9.32 -2.17
N ASN A 54 9.33 9.68 -2.05
CA ASN A 54 8.47 9.13 -1.02
C ASN A 54 8.08 7.68 -1.28
N PHE A 55 8.42 7.13 -2.45
CA PHE A 55 8.06 5.76 -2.78
C PHE A 55 9.14 4.79 -2.30
N PRO A 56 8.76 3.66 -1.71
CA PRO A 56 9.76 2.71 -1.22
C PRO A 56 10.40 1.92 -2.35
N GLY A 57 11.53 1.29 -2.02
CA GLY A 57 12.29 0.52 -2.98
C GLY A 57 13.11 1.33 -3.95
N PHE A 58 12.84 2.63 -4.07
CA PHE A 58 13.62 3.51 -4.94
C PHE A 58 14.35 4.54 -4.09
N PRO A 59 15.49 4.19 -3.49
CA PRO A 59 16.17 5.16 -2.62
C PRO A 59 16.69 6.37 -3.36
N ASP A 60 17.19 6.19 -4.58
CA ASP A 60 17.66 7.31 -5.39
C ASP A 60 16.53 8.01 -6.13
N GLY A 61 15.28 7.69 -5.82
CA GLY A 61 14.14 8.34 -6.43
C GLY A 61 13.86 7.85 -7.84
N ILE A 62 12.62 8.05 -8.26
CA ILE A 62 12.18 7.66 -9.60
C ILE A 62 11.15 8.66 -10.07
N GLY A 63 11.28 9.08 -11.33
CA GLY A 63 10.30 10.00 -11.88
C GLY A 63 8.93 9.37 -11.95
N GLY A 64 7.90 10.18 -11.69
CA GLY A 64 6.54 9.67 -11.73
C GLY A 64 6.17 9.10 -13.09
N ALA A 65 6.63 9.76 -14.16
CA ALA A 65 6.38 9.25 -15.50
C ALA A 65 7.07 7.90 -15.70
N GLU A 66 8.33 7.79 -15.28
CA GLU A 66 9.03 6.52 -15.42
C GLU A 66 8.41 5.43 -14.54
N LEU A 67 7.99 5.80 -13.33
CA LEU A 67 7.35 4.82 -12.45
C LEU A 67 6.05 4.31 -13.06
N MET A 68 5.23 5.21 -13.60
CA MET A 68 3.98 4.79 -14.21
C MET A 68 4.22 4.00 -15.50
N GLU A 69 5.28 4.32 -16.25
CA GLU A 69 5.58 3.55 -17.45
C GLU A 69 6.05 2.13 -17.07
N ASN A 70 6.86 2.01 -16.02
CA ASN A 70 7.25 0.69 -15.54
C ASN A 70 6.05 -0.10 -15.08
N MET A 71 5.15 0.55 -14.33
CA MET A 71 3.93 -0.12 -13.88
C MET A 71 3.08 -0.55 -15.08
N ARG A 72 3.01 0.28 -16.11
CA ARG A 72 2.21 -0.03 -17.28
C ARG A 72 2.77 -1.22 -18.05
N LYS A 73 4.07 -1.23 -18.29
CA LYS A 73 4.65 -2.37 -19.01
C LYS A 73 4.58 -3.64 -18.16
N GLN A 74 4.68 -3.51 -16.82
CA GLN A 74 4.47 -4.67 -15.96
C GLN A 74 3.06 -5.21 -16.12
N SER A 75 2.06 -4.33 -16.08
CA SER A 75 0.68 -4.76 -16.19
C SER A 75 0.40 -5.42 -17.54
N ILE A 76 0.89 -4.81 -18.63
CA ILE A 76 0.67 -5.41 -19.94
C ILE A 76 1.50 -6.67 -20.13
N ARG A 77 2.57 -6.84 -19.35
CA ARG A 77 3.31 -8.09 -19.39
C ARG A 77 2.54 -9.21 -18.71
N PHE A 78 1.93 -8.91 -17.56
CA PHE A 78 1.17 -9.95 -16.86
C PHE A 78 -0.14 -10.29 -17.56
N GLY A 79 -0.62 -9.44 -18.47
CA GLY A 79 -1.74 -9.80 -19.32
C GLY A 79 -3.00 -8.98 -19.16
N THR A 80 -2.87 -7.67 -19.07
CA THR A 80 -4.01 -6.76 -19.01
C THR A 80 -4.21 -6.09 -20.36
N GLU A 81 -5.41 -6.17 -20.90
CA GLU A 81 -5.77 -5.44 -22.12
C GLU A 81 -5.89 -3.96 -21.78
N VAL A 82 -4.74 -3.29 -21.79
CA VAL A 82 -4.70 -1.85 -21.55
C VAL A 82 -5.20 -1.14 -22.80
N ILE A 83 -6.32 -0.42 -22.66
CA ILE A 83 -6.95 0.29 -23.76
C ILE A 83 -6.96 1.77 -23.40
N THR A 84 -6.38 2.59 -24.27
CA THR A 84 -6.30 4.03 -24.05
C THR A 84 -7.60 4.71 -24.50
N GLU A 85 -8.69 4.37 -23.83
CA GLU A 85 -10.00 4.92 -24.13
C GLU A 85 -10.72 5.30 -22.85
N THR A 86 -11.36 6.46 -22.86
CA THR A 86 -12.07 6.97 -21.70
C THR A 86 -13.39 6.25 -21.50
N ILE A 87 -13.71 5.93 -20.25
CA ILE A 87 -15.03 5.42 -19.90
C ILE A 87 -15.93 6.60 -19.57
N SER A 88 -17.06 6.69 -20.26
CA SER A 88 -17.96 7.83 -20.09
C SER A 88 -19.08 7.48 -19.12
N ARG A 89 -20.02 6.65 -19.55
CA ARG A 89 -21.15 6.26 -18.73
C ARG A 89 -21.07 4.77 -18.42
N VAL A 90 -21.62 4.39 -17.26
CA VAL A 90 -21.69 3.00 -16.83
C VAL A 90 -23.10 2.74 -16.30
N ASP A 91 -23.68 1.62 -16.72
CA ASP A 91 -25.02 1.21 -16.30
C ASP A 91 -24.87 0.00 -15.39
N LEU A 92 -24.89 0.23 -14.08
CA LEU A 92 -24.72 -0.82 -13.09
C LEU A 92 -26.05 -1.46 -12.70
N SER A 93 -27.08 -1.33 -13.53
CA SER A 93 -28.39 -1.90 -13.21
C SER A 93 -28.38 -3.41 -13.39
N SER A 94 -27.96 -3.88 -14.57
CA SER A 94 -27.97 -5.30 -14.87
C SER A 94 -26.91 -6.04 -14.06
N LYS A 95 -27.05 -7.36 -14.01
CA LYS A 95 -26.05 -8.19 -13.32
C LYS A 95 -24.68 -8.08 -14.00
N PRO A 96 -24.56 -8.17 -15.32
CA PRO A 96 -23.30 -7.76 -15.94
C PRO A 96 -23.22 -6.25 -16.04
N PHE A 97 -22.01 -5.72 -15.84
CA PHE A 97 -21.81 -4.28 -15.76
C PHE A 97 -21.49 -3.72 -17.14
N LYS A 98 -22.25 -2.71 -17.55
CA LYS A 98 -22.09 -2.08 -18.86
C LYS A 98 -21.23 -0.83 -18.72
N LEU A 99 -20.36 -0.62 -19.72
CA LEU A 99 -19.50 0.55 -19.78
C LEU A 99 -19.57 1.12 -21.20
N TRP A 100 -19.14 2.38 -21.34
CA TRP A 100 -19.20 3.04 -22.63
C TRP A 100 -18.00 3.95 -22.80
N THR A 101 -17.46 3.97 -24.02
CA THR A 101 -16.30 4.78 -24.34
C THR A 101 -16.72 6.24 -24.53
N GLU A 102 -15.77 7.15 -24.29
CA GLU A 102 -16.03 8.57 -24.52
C GLU A 102 -16.29 8.80 -26.01
N TRP A 103 -17.26 9.66 -26.30
CA TRP A 103 -17.72 9.95 -27.65
C TRP A 103 -18.33 8.71 -28.30
N ASN A 104 -18.38 7.60 -27.56
CA ASN A 104 -19.02 6.36 -28.00
C ASN A 104 -20.04 5.89 -26.96
N ASP A 105 -20.65 6.83 -26.24
CA ASP A 105 -21.50 6.53 -25.10
C ASP A 105 -22.93 6.97 -25.33
N GLY A 106 -23.43 6.80 -26.56
CA GLY A 106 -24.79 7.13 -26.88
C GLY A 106 -25.78 6.31 -26.09
N PRO A 107 -26.99 6.86 -25.87
CA PRO A 107 -28.01 6.09 -25.15
C PRO A 107 -28.36 4.78 -25.82
N ASP A 108 -28.34 4.73 -27.14
CA ASP A 108 -28.57 3.50 -27.90
C ASP A 108 -27.28 2.81 -28.31
N LYS A 109 -26.13 3.41 -28.01
CA LYS A 109 -24.87 2.81 -28.37
C LYS A 109 -24.61 1.55 -27.56
N GLU A 110 -23.79 0.65 -28.12
CA GLU A 110 -23.48 -0.61 -27.49
C GLU A 110 -22.33 -0.46 -26.51
N PRO A 111 -22.35 -1.23 -25.41
CA PRO A 111 -21.22 -1.19 -24.47
C PRO A 111 -19.94 -1.68 -25.12
N ALA A 112 -18.85 -0.96 -24.87
CA ALA A 112 -17.58 -1.28 -25.51
C ALA A 112 -17.03 -2.61 -24.99
N CYS A 113 -16.74 -2.68 -23.69
CA CYS A 113 -16.17 -3.89 -23.07
C CYS A 113 -16.84 -4.09 -21.71
N THR A 114 -17.98 -4.77 -21.72
CA THR A 114 -18.66 -5.09 -20.48
C THR A 114 -17.88 -6.12 -19.69
N ALA A 115 -18.23 -6.27 -18.41
CA ALA A 115 -17.55 -7.22 -17.54
C ALA A 115 -18.50 -7.60 -16.40
N ASP A 116 -18.06 -8.58 -15.62
CA ASP A 116 -18.84 -9.07 -14.48
C ASP A 116 -18.57 -8.27 -13.22
N ALA A 117 -17.31 -8.10 -12.86
CA ALA A 117 -16.90 -7.23 -11.77
C ALA A 117 -16.12 -6.04 -12.33
N VAL A 118 -15.95 -5.02 -11.49
CA VAL A 118 -15.31 -3.79 -11.94
C VAL A 118 -14.56 -3.16 -10.77
N ILE A 119 -13.33 -2.72 -11.04
CA ILE A 119 -12.50 -1.97 -10.10
C ILE A 119 -12.50 -0.51 -10.52
N ILE A 120 -12.52 0.39 -9.53
CA ILE A 120 -12.50 1.82 -9.75
C ILE A 120 -11.25 2.38 -9.09
N ALA A 121 -10.40 3.03 -9.89
CA ALA A 121 -9.22 3.71 -9.38
C ALA A 121 -8.97 4.97 -10.19
N THR A 122 -10.04 5.69 -10.50
CA THR A 122 -9.99 6.91 -11.30
C THR A 122 -9.33 8.08 -10.58
N GLY A 123 -8.79 7.84 -9.39
CA GLY A 123 -8.02 8.84 -8.67
C GLY A 123 -8.87 9.99 -8.15
N ALA A 124 -8.19 10.91 -7.48
CA ALA A 124 -8.79 12.15 -6.97
C ALA A 124 -7.76 13.25 -7.21
N ASN A 125 -7.97 14.03 -8.27
CA ASN A 125 -6.96 15.00 -8.68
C ASN A 125 -7.13 16.29 -7.88
N ALA A 126 -6.02 16.78 -7.33
CA ALA A 126 -6.05 18.05 -6.62
C ALA A 126 -6.32 19.18 -7.61
N ARG A 127 -7.23 20.08 -7.22
CA ARG A 127 -7.60 21.17 -8.12
C ARG A 127 -6.40 22.08 -8.39
N ARG A 128 -6.22 22.41 -9.66
CA ARG A 128 -5.21 23.38 -10.06
C ARG A 128 -5.87 24.75 -10.24
N LEU A 129 -5.01 25.76 -10.41
CA LEU A 129 -5.48 27.13 -10.57
C LEU A 129 -5.32 27.68 -11.98
N ASN A 130 -4.58 26.98 -12.84
CA ASN A 130 -4.35 27.42 -14.23
C ASN A 130 -3.73 28.81 -14.27
N LEU A 131 -2.89 29.14 -13.29
CA LEU A 131 -2.25 30.44 -13.24
C LEU A 131 -1.27 30.61 -14.40
N PRO A 132 -0.98 31.85 -14.77
CA PRO A 132 0.07 32.09 -15.78
C PRO A 132 1.42 31.61 -15.26
N GLY A 133 2.04 30.71 -16.02
CA GLY A 133 3.29 30.11 -15.61
C GLY A 133 3.15 28.83 -14.81
N GLU A 134 1.92 28.48 -14.40
CA GLU A 134 1.72 27.23 -13.68
C GLU A 134 2.19 26.04 -14.50
N GLU A 135 1.69 25.92 -15.74
CA GLU A 135 2.19 24.90 -16.66
C GLU A 135 3.68 25.04 -16.89
N THR A 136 4.20 26.26 -16.86
CA THR A 136 5.62 26.49 -17.11
C THR A 136 6.49 26.06 -15.93
N TYR A 137 5.97 26.17 -14.71
CA TYR A 137 6.75 25.86 -13.51
C TYR A 137 6.09 24.77 -12.67
N TRP A 138 5.29 23.90 -13.29
CA TRP A 138 4.62 22.86 -12.54
C TRP A 138 5.62 21.81 -12.07
N GLN A 139 5.52 21.44 -10.79
CA GLN A 139 6.38 20.44 -10.15
C GLN A 139 7.85 20.87 -10.11
N ASN A 140 8.14 22.06 -10.62
CA ASN A 140 9.44 22.68 -10.42
C ASN A 140 9.30 23.84 -9.45
N GLY A 141 8.61 23.59 -8.34
CA GLY A 141 8.29 24.62 -7.37
C GLY A 141 6.84 24.53 -6.95
N ILE A 142 5.95 24.34 -7.93
CA ILE A 142 4.54 24.14 -7.68
C ILE A 142 4.30 22.66 -7.40
N SER A 143 3.23 22.35 -6.67
CA SER A 143 2.80 20.98 -6.41
C SER A 143 1.41 21.03 -5.78
N ALA A 144 0.96 19.88 -5.28
CA ALA A 144 -0.30 19.81 -4.54
C ALA A 144 -0.21 19.00 -3.24
N CYS A 145 0.66 18.00 -3.14
CA CYS A 145 0.87 17.26 -1.89
C CYS A 145 2.18 17.71 -1.27
N ALA A 146 2.12 18.21 -0.03
CA ALA A 146 3.33 18.65 0.64
C ALA A 146 4.11 17.48 1.23
N VAL A 147 3.40 16.48 1.76
CA VAL A 147 4.04 15.27 2.27
C VAL A 147 4.86 14.58 1.19
N CYS A 148 4.54 14.83 -0.07
CA CYS A 148 5.24 14.24 -1.21
C CYS A 148 6.46 15.05 -1.64
N ASP A 149 6.34 16.39 -1.64
CA ASP A 149 7.40 17.25 -2.13
C ASP A 149 7.96 18.16 -1.03
N GLY A 150 7.78 17.80 0.23
CA GLY A 150 8.24 18.65 1.32
C GLY A 150 9.74 18.63 1.51
N ALA A 151 10.31 17.45 1.73
CA ALA A 151 11.75 17.29 1.99
C ALA A 151 12.60 17.46 0.75
N VAL A 152 12.04 17.88 -0.39
CA VAL A 152 12.85 18.10 -1.58
C VAL A 152 13.87 19.20 -1.31
N PRO A 153 15.15 19.01 -1.65
CA PRO A 153 16.16 20.01 -1.29
C PRO A 153 15.94 21.37 -1.95
N ILE A 154 15.11 21.46 -2.98
CA ILE A 154 14.84 22.74 -3.61
C ILE A 154 13.91 23.62 -2.79
N PHE A 155 13.32 23.09 -1.72
CA PHE A 155 12.40 23.85 -0.88
C PHE A 155 12.92 24.12 0.53
N ARG A 156 13.90 23.36 1.00
CA ARG A 156 14.32 23.44 2.39
C ARG A 156 15.03 24.77 2.66
N ASN A 157 14.64 25.41 3.78
CA ASN A 157 15.22 26.68 4.20
C ASN A 157 14.99 27.76 3.15
N LYS A 158 13.79 27.80 2.59
CA LYS A 158 13.42 28.73 1.54
C LYS A 158 11.96 29.13 1.71
N PRO A 159 11.55 30.28 1.17
CA PRO A 159 10.15 30.70 1.31
C PRO A 159 9.19 29.77 0.59
N LEU A 160 8.10 29.41 1.27
CA LEU A 160 7.08 28.54 0.73
C LEU A 160 5.72 29.23 0.88
N TYR A 161 4.93 29.23 -0.19
CA TYR A 161 3.59 29.79 -0.19
C TYR A 161 2.58 28.71 -0.53
N VAL A 162 1.45 28.72 0.17
CA VAL A 162 0.42 27.71 0.04
C VAL A 162 -0.91 28.41 -0.24
N ILE A 163 -1.72 27.82 -1.12
CA ILE A 163 -3.04 28.35 -1.43
C ILE A 163 -4.08 27.34 -1.01
N GLY A 164 -5.04 27.78 -0.22
CA GLY A 164 -6.12 26.92 0.23
C GLY A 164 -6.85 27.54 1.40
N GLY A 165 -8.01 26.96 1.70
CA GLY A 165 -8.83 27.45 2.78
C GLY A 165 -9.37 26.36 3.69
N GLY A 166 -9.31 25.12 3.22
CA GLY A 166 -9.76 23.99 4.02
C GLY A 166 -8.71 23.52 5.00
N ASP A 167 -9.06 22.46 5.74
CA ASP A 167 -8.14 21.90 6.73
C ASP A 167 -6.88 21.35 6.08
N SER A 168 -7.00 20.83 4.86
CA SER A 168 -5.84 20.28 4.16
C SER A 168 -4.77 21.35 3.99
N ALA A 169 -5.17 22.59 3.70
CA ALA A 169 -4.20 23.66 3.53
C ALA A 169 -3.41 23.91 4.81
N ALA A 170 -4.10 23.97 5.95
CA ALA A 170 -3.41 24.19 7.22
C ALA A 170 -2.50 23.02 7.56
N GLU A 171 -2.94 21.79 7.29
CA GLU A 171 -2.08 20.64 7.56
C GLU A 171 -0.84 20.66 6.68
N GLU A 172 -0.99 20.99 5.39
CA GLU A 172 0.16 21.07 4.50
C GLU A 172 1.11 22.19 4.93
N ALA A 173 0.57 23.31 5.41
CA ALA A 173 1.43 24.40 5.86
C ALA A 173 2.20 24.01 7.11
N MET A 174 1.53 23.38 8.08
CA MET A 174 2.21 22.94 9.29
C MET A 174 3.19 21.79 9.01
N PHE A 175 3.01 21.07 7.91
CA PHE A 175 3.99 20.09 7.50
C PHE A 175 5.19 20.76 6.83
N LEU A 176 4.94 21.78 6.01
CA LEU A 176 6.01 22.45 5.28
C LEU A 176 6.86 23.34 6.17
N ALA A 177 6.32 23.79 7.30
CA ALA A 177 7.13 24.57 8.23
C ALA A 177 8.35 23.81 8.74
N LYS A 178 8.42 22.50 8.50
CA LYS A 178 9.55 21.67 8.91
C LYS A 178 10.71 21.71 7.92
N TYR A 179 10.64 22.56 6.89
CA TYR A 179 11.73 22.66 5.92
C TYR A 179 12.02 24.12 5.57
N GLY A 180 11.02 24.81 5.04
CA GLY A 180 11.23 26.16 4.54
C GLY A 180 11.52 27.16 5.63
N SER A 181 12.13 28.27 5.23
CA SER A 181 12.43 29.34 6.17
C SER A 181 11.15 30.00 6.67
N SER A 182 10.21 30.26 5.79
CA SER A 182 8.94 30.88 6.16
C SER A 182 7.84 30.37 5.24
N VAL A 183 6.80 29.80 5.84
CA VAL A 183 5.64 29.32 5.09
C VAL A 183 4.56 30.38 5.14
N THR A 184 3.95 30.65 4.00
CA THR A 184 2.87 31.63 3.90
C THR A 184 1.66 30.98 3.22
N VAL A 185 0.47 31.27 3.74
CA VAL A 185 -0.76 30.75 3.16
C VAL A 185 -1.62 31.94 2.73
N LEU A 186 -2.26 31.80 1.56
CA LEU A 186 -3.02 32.87 0.92
C LEU A 186 -4.49 32.46 0.90
N VAL A 187 -5.24 32.88 1.93
CA VAL A 187 -6.67 32.63 1.96
C VAL A 187 -7.37 33.57 1.01
N ARG A 188 -8.26 33.02 0.17
CA ARG A 188 -8.92 33.85 -0.83
C ARG A 188 -9.96 34.77 -0.20
N ARG A 189 -10.38 34.52 1.04
CA ARG A 189 -11.38 35.33 1.71
C ARG A 189 -10.84 35.76 3.08
N ASP A 190 -11.62 36.62 3.75
CA ASP A 190 -11.18 37.26 4.98
C ASP A 190 -11.09 36.33 6.17
N LYS A 191 -11.64 35.12 6.07
CA LYS A 191 -11.67 34.19 7.20
C LYS A 191 -11.31 32.79 6.73
N LEU A 192 -11.09 31.91 7.69
CA LEU A 192 -10.66 30.55 7.42
C LEU A 192 -11.86 29.61 7.34
N ARG A 193 -11.91 28.81 6.27
CA ARG A 193 -12.89 27.75 6.15
C ARG A 193 -12.54 26.54 7.01
N ALA A 194 -11.40 26.57 7.69
CA ALA A 194 -10.91 25.43 8.44
C ALA A 194 -11.58 25.36 9.82
N SER A 195 -11.36 24.24 10.50
CA SER A 195 -11.89 24.04 11.83
C SER A 195 -11.15 24.93 12.84
N LYS A 196 -11.74 25.05 14.03
CA LYS A 196 -11.17 25.93 15.04
C LYS A 196 -9.89 25.35 15.63
N ALA A 197 -9.84 24.03 15.83
CA ALA A 197 -8.63 23.42 16.37
C ALA A 197 -7.50 23.44 15.36
N MET A 198 -7.81 23.15 14.09
CA MET A 198 -6.79 23.20 13.05
C MET A 198 -6.26 24.62 12.88
N ALA A 199 -7.16 25.60 12.84
CA ALA A 199 -6.74 26.99 12.70
C ALA A 199 -5.98 27.48 13.93
N LYS A 200 -6.31 26.96 15.12
CA LYS A 200 -5.58 27.34 16.32
C LYS A 200 -4.16 26.78 16.28
N ARG A 201 -4.02 25.51 15.94
CA ARG A 201 -2.69 24.93 15.79
C ARG A 201 -1.91 25.60 14.67
N LEU A 202 -2.60 26.13 13.66
CA LEU A 202 -1.95 26.87 12.58
C LEU A 202 -1.42 28.20 13.10
N LEU A 203 -2.32 29.10 13.49
CA LEU A 203 -1.90 30.42 13.97
C LEU A 203 -0.93 30.32 15.15
N ALA A 204 -0.95 29.22 15.91
CA ALA A 204 0.03 29.01 16.96
C ALA A 204 1.33 28.42 16.45
N HIS A 205 1.31 27.83 15.25
CA HIS A 205 2.53 27.28 14.67
C HIS A 205 3.52 28.41 14.40
N PRO A 206 4.78 28.30 14.83
CA PRO A 206 5.69 29.46 14.74
C PRO A 206 5.99 29.92 13.33
N LYS A 207 6.26 29.00 12.41
CA LYS A 207 6.83 29.36 11.11
C LYS A 207 5.80 29.67 10.03
N VAL A 208 4.51 29.63 10.34
CA VAL A 208 3.47 29.87 9.34
C VAL A 208 2.96 31.29 9.48
N THR A 209 2.62 31.90 8.35
CA THR A 209 2.04 33.23 8.30
C THR A 209 0.85 33.20 7.36
N VAL A 210 -0.28 33.74 7.81
CA VAL A 210 -1.55 33.65 7.09
C VAL A 210 -1.92 35.03 6.58
N ARG A 211 -2.23 35.11 5.29
CA ARG A 211 -2.70 36.35 4.66
C ARG A 211 -4.07 36.10 4.08
N PHE A 212 -5.09 36.73 4.65
CA PHE A 212 -6.46 36.56 4.20
C PHE A 212 -6.76 37.52 3.05
N ASN A 213 -7.84 37.21 2.33
CA ASN A 213 -8.27 38.00 1.17
C ASN A 213 -7.16 38.13 0.13
N THR A 214 -6.42 37.04 -0.07
CA THR A 214 -5.27 37.06 -0.98
C THR A 214 -5.26 35.78 -1.80
N VAL A 215 -5.21 35.95 -3.12
CA VAL A 215 -5.10 34.83 -4.05
C VAL A 215 -3.85 35.04 -4.90
N ALA A 216 -3.12 33.95 -5.16
CA ALA A 216 -1.96 34.02 -6.04
C ALA A 216 -2.43 34.25 -7.48
N THR A 217 -1.89 35.29 -8.11
CA THR A 217 -2.29 35.66 -9.46
C THR A 217 -1.32 35.20 -10.53
N GLU A 218 -0.01 35.20 -10.24
CA GLU A 218 0.96 34.86 -11.29
C GLU A 218 2.16 34.16 -10.67
N VAL A 219 2.52 33.01 -11.22
CA VAL A 219 3.72 32.29 -10.81
C VAL A 219 4.85 32.70 -11.73
N LEU A 220 5.91 33.30 -11.17
CA LEU A 220 7.00 33.87 -11.96
C LEU A 220 8.33 33.28 -11.48
N GLY A 221 8.85 32.31 -12.22
CA GLY A 221 10.11 31.69 -11.87
C GLY A 221 11.14 31.75 -12.98
N GLU A 222 12.18 30.94 -12.88
CA GLU A 222 13.22 30.90 -13.90
C GLU A 222 12.68 30.23 -15.16
N LYS A 223 12.65 30.98 -16.27
CA LYS A 223 12.25 30.40 -17.55
C LYS A 223 13.45 29.69 -18.18
N LYS A 224 14.38 29.23 -17.33
CA LYS A 224 15.48 28.40 -17.77
C LYS A 224 14.94 27.08 -18.33
N PRO A 225 15.65 26.45 -19.27
CA PRO A 225 15.16 25.18 -19.85
C PRO A 225 14.72 24.16 -18.82
N ASN A 226 15.34 24.14 -17.64
CA ASN A 226 14.89 23.34 -16.50
C ASN A 226 14.74 24.23 -15.28
N GLY A 227 14.08 25.37 -15.47
CA GLY A 227 13.99 26.35 -14.42
C GLY A 227 13.03 25.95 -13.30
N LEU A 228 13.20 26.61 -12.17
CA LEU A 228 12.40 26.39 -10.98
C LEU A 228 11.45 27.58 -10.80
N MET A 229 10.94 27.75 -9.58
CA MET A 229 10.05 28.85 -9.24
C MET A 229 10.74 29.78 -8.25
N THR A 230 10.57 31.08 -8.44
CA THR A 230 11.31 32.04 -7.62
C THR A 230 10.40 33.05 -6.95
N HIS A 231 9.32 33.47 -7.61
CA HIS A 231 8.51 34.55 -7.08
C HIS A 231 7.04 34.34 -7.44
N LEU A 232 6.18 35.05 -6.71
CA LEU A 232 4.74 34.91 -6.86
C LEU A 232 4.08 36.27 -6.74
N ARG A 233 3.34 36.66 -7.78
CA ARG A 233 2.50 37.85 -7.75
C ARG A 233 1.16 37.48 -7.15
N ILE A 234 0.93 37.92 -5.91
CA ILE A 234 -0.33 37.73 -5.23
C ILE A 234 -1.13 39.03 -5.35
N LYS A 235 -2.37 39.00 -4.88
CA LYS A 235 -3.22 40.19 -4.92
C LYS A 235 -4.21 40.16 -3.77
N ASN A 236 -4.29 41.27 -3.04
CA ASN A 236 -5.36 41.45 -2.06
C ASN A 236 -6.68 41.58 -2.80
N THR A 237 -7.51 40.54 -2.72
CA THR A 237 -8.72 40.48 -3.54
C THR A 237 -9.71 41.58 -3.19
N VAL A 238 -9.59 42.18 -2.00
CA VAL A 238 -10.49 43.28 -1.63
C VAL A 238 -10.07 44.56 -2.33
N THR A 239 -8.80 44.95 -2.16
CA THR A 239 -8.33 46.20 -2.75
C THR A 239 -7.91 46.03 -4.21
N GLY A 240 -7.43 44.85 -4.59
CA GLY A 240 -6.86 44.65 -5.91
C GLY A 240 -5.40 45.02 -6.02
N GLU A 241 -4.75 45.39 -4.92
CA GLU A 241 -3.35 45.78 -4.94
C GLU A 241 -2.49 44.52 -5.07
N GLU A 242 -1.91 44.32 -6.24
CA GLU A 242 -1.04 43.18 -6.47
C GLU A 242 0.35 43.46 -5.90
N GLU A 243 1.01 42.39 -5.46
CA GLU A 243 2.34 42.48 -4.87
C GLU A 243 3.10 41.20 -5.17
N ILE A 244 4.34 41.34 -5.62
CA ILE A 244 5.16 40.19 -5.99
C ILE A 244 6.13 39.91 -4.85
N VAL A 245 6.06 38.71 -4.30
CA VAL A 245 6.86 38.32 -3.14
C VAL A 245 7.76 37.15 -3.53
N ASP A 246 8.80 36.96 -2.72
CA ASP A 246 9.73 35.85 -2.89
C ASP A 246 9.05 34.55 -2.50
N ALA A 247 8.76 33.70 -3.49
CA ALA A 247 8.14 32.40 -3.26
C ALA A 247 9.05 31.35 -3.91
N ASN A 248 9.82 30.64 -3.08
CA ASN A 248 10.65 29.57 -3.62
C ASN A 248 9.81 28.33 -3.95
N GLY A 249 8.79 28.05 -3.14
CA GLY A 249 7.95 26.90 -3.44
C GLY A 249 6.47 27.10 -3.19
N LEU A 250 5.64 26.92 -4.21
CA LEU A 250 4.21 27.10 -4.09
C LEU A 250 3.51 25.75 -4.00
N PHE A 251 2.38 25.73 -3.30
CA PHE A 251 1.65 24.49 -3.06
C PHE A 251 0.15 24.74 -3.14
N TYR A 252 -0.48 24.14 -4.15
CA TYR A 252 -1.94 24.09 -4.22
C TYR A 252 -2.46 23.20 -3.10
N ALA A 253 -3.29 23.74 -2.23
CA ALA A 253 -3.86 22.96 -1.13
C ALA A 253 -5.36 23.14 -1.04
N VAL A 254 -6.03 23.50 -2.13
CA VAL A 254 -7.49 23.60 -2.17
C VAL A 254 -8.07 22.18 -2.26
N GLY A 255 -9.39 22.09 -2.34
CA GLY A 255 -10.03 20.79 -2.36
C GLY A 255 -9.66 19.99 -3.59
N HIS A 256 -9.80 18.67 -3.48
CA HIS A 256 -9.49 17.75 -4.56
C HIS A 256 -10.79 17.25 -5.19
N ASP A 257 -10.80 17.20 -6.52
CA ASP A 257 -11.95 16.67 -7.25
C ASP A 257 -11.74 15.18 -7.48
N PRO A 258 -12.60 14.35 -6.91
CA PRO A 258 -12.55 12.91 -7.17
C PRO A 258 -13.27 12.60 -8.48
N ALA A 259 -12.63 11.86 -9.38
CA ALA A 259 -13.25 11.56 -10.66
C ALA A 259 -14.18 10.36 -10.56
N THR A 260 -15.23 10.51 -9.76
CA THR A 260 -16.26 9.48 -9.63
C THR A 260 -17.48 9.83 -10.47
N ALA A 261 -17.41 10.95 -11.19
CA ALA A 261 -18.57 11.46 -11.92
C ALA A 261 -19.29 10.35 -12.68
N LEU A 262 -18.58 9.31 -13.09
CA LEU A 262 -19.21 8.24 -13.85
C LEU A 262 -20.15 7.40 -12.99
N VAL A 263 -19.89 7.34 -11.68
CA VAL A 263 -20.78 6.62 -10.78
C VAL A 263 -22.11 7.36 -10.66
N LYS A 264 -22.05 8.63 -10.25
CA LYS A 264 -23.21 9.52 -10.21
C LYS A 264 -24.32 8.95 -9.30
N GLY A 265 -23.94 8.64 -8.06
CA GLY A 265 -24.89 8.19 -7.07
C GLY A 265 -25.29 6.74 -7.14
N GLN A 266 -24.90 6.01 -8.19
CA GLN A 266 -25.18 4.58 -8.25
C GLN A 266 -24.52 3.85 -7.10
N ILE A 267 -23.32 4.30 -6.70
CA ILE A 267 -22.64 3.85 -5.49
C ILE A 267 -22.68 5.01 -4.52
N ASP A 268 -22.90 4.71 -3.24
CA ASP A 268 -22.99 5.76 -2.23
C ASP A 268 -21.71 6.58 -2.18
N LEU A 269 -21.88 7.90 -2.10
CA LEU A 269 -20.78 8.85 -2.03
C LEU A 269 -20.91 9.68 -0.76
N ASP A 270 -19.80 10.28 -0.34
CA ASP A 270 -19.81 11.14 0.84
C ASP A 270 -20.08 12.57 0.41
N GLU A 271 -19.99 13.51 1.36
CA GLU A 271 -20.26 14.91 1.04
C GLU A 271 -19.17 15.50 0.17
N ASP A 272 -17.90 15.17 0.44
CA ASP A 272 -16.79 15.73 -0.31
C ASP A 272 -16.68 15.15 -1.71
N GLY A 273 -17.39 14.06 -2.03
CA GLY A 273 -17.43 13.48 -3.35
C GLY A 273 -16.83 12.10 -3.44
N TYR A 274 -15.89 11.77 -2.55
CA TYR A 274 -15.20 10.49 -2.62
C TYR A 274 -16.18 9.32 -2.51
N ILE A 275 -15.79 8.19 -3.11
CA ILE A 275 -16.61 6.99 -3.05
C ILE A 275 -16.45 6.35 -1.68
N ILE A 276 -17.57 6.16 -0.97
CA ILE A 276 -17.51 5.53 0.34
C ILE A 276 -17.18 4.04 0.17
N THR A 277 -16.44 3.50 1.13
CA THR A 277 -16.09 2.09 1.14
C THR A 277 -16.15 1.57 2.56
N LYS A 278 -16.43 0.28 2.69
CA LYS A 278 -16.31 -0.38 3.97
C LYS A 278 -14.88 -0.21 4.47
N PRO A 279 -14.67 0.37 5.65
CA PRO A 279 -13.31 0.74 6.05
C PRO A 279 -12.35 -0.45 6.04
N GLY A 280 -11.14 -0.20 5.53
CA GLY A 280 -10.15 -1.25 5.39
C GLY A 280 -10.31 -2.13 4.17
N THR A 281 -11.31 -1.85 3.32
CA THR A 281 -11.54 -2.68 2.15
C THR A 281 -11.71 -1.83 0.89
N SER A 282 -12.15 -2.45 -0.19
CA SER A 282 -12.48 -1.77 -1.42
C SER A 282 -13.96 -1.90 -1.77
N TYR A 283 -14.73 -2.61 -0.96
CA TYR A 283 -16.16 -2.79 -1.22
C TYR A 283 -16.86 -1.44 -1.29
N THR A 284 -17.79 -1.31 -2.22
CA THR A 284 -18.59 -0.11 -2.38
C THR A 284 -19.99 -0.36 -1.84
N SER A 285 -20.88 0.62 -2.05
CA SER A 285 -22.28 0.43 -1.66
C SER A 285 -22.93 -0.67 -2.47
N ARG A 286 -22.64 -0.72 -3.77
CA ARG A 286 -23.17 -1.76 -4.63
C ARG A 286 -22.29 -3.00 -4.56
N GLU A 287 -22.87 -4.14 -4.22
CA GLU A 287 -22.13 -5.39 -4.12
C GLU A 287 -21.77 -5.88 -5.52
N GLY A 288 -20.48 -5.88 -5.83
CA GLY A 288 -20.01 -6.32 -7.12
C GLY A 288 -19.00 -5.38 -7.75
N VAL A 289 -19.04 -4.11 -7.34
CA VAL A 289 -18.12 -3.10 -7.83
C VAL A 289 -17.25 -2.65 -6.66
N PHE A 290 -15.94 -2.54 -6.91
CA PHE A 290 -14.98 -2.15 -5.89
C PHE A 290 -14.37 -0.81 -6.25
N ALA A 291 -13.96 -0.05 -5.23
CA ALA A 291 -13.29 1.22 -5.44
C ALA A 291 -12.00 1.24 -4.62
N CYS A 292 -10.93 1.70 -5.24
CA CYS A 292 -9.62 1.70 -4.61
C CYS A 292 -8.88 2.99 -4.95
N GLY A 293 -7.78 3.22 -4.24
CA GLY A 293 -6.94 4.37 -4.50
C GLY A 293 -7.53 5.66 -3.96
N ASP A 294 -7.20 6.76 -4.62
CA ASP A 294 -7.62 8.09 -4.18
C ASP A 294 -9.13 8.29 -4.29
N VAL A 295 -9.85 7.41 -4.98
CA VAL A 295 -11.30 7.52 -5.03
C VAL A 295 -11.90 7.18 -3.67
N GLN A 296 -11.35 6.18 -3.00
CA GLN A 296 -11.80 5.77 -1.67
C GLN A 296 -10.93 6.32 -0.55
N ASP A 297 -9.72 6.77 -0.87
CA ASP A 297 -8.80 7.32 0.12
C ASP A 297 -8.86 8.84 0.08
N LYS A 298 -9.12 9.45 1.23
CA LYS A 298 -9.15 10.90 1.38
C LYS A 298 -8.12 11.44 2.33
N ARG A 299 -7.77 10.70 3.38
CA ARG A 299 -6.85 11.20 4.41
C ARG A 299 -5.39 11.07 4.01
N TYR A 300 -5.06 10.26 3.01
CA TYR A 300 -3.67 9.98 2.67
C TYR A 300 -3.26 10.52 1.30
N ARG A 301 -4.04 10.23 0.26
CA ARG A 301 -3.79 10.71 -1.10
C ARG A 301 -2.41 10.30 -1.62
N GLN A 302 -1.80 9.27 -1.03
CA GLN A 302 -0.47 8.84 -1.40
C GLN A 302 -0.52 7.77 -2.47
N ALA A 303 0.53 7.71 -3.29
CA ALA A 303 0.58 6.70 -4.35
C ALA A 303 0.86 5.31 -3.79
N ILE A 304 1.62 5.21 -2.71
CA ILE A 304 1.88 3.90 -2.11
C ILE A 304 0.61 3.35 -1.46
N THR A 305 -0.11 4.20 -0.72
CA THR A 305 -1.41 3.79 -0.19
C THR A 305 -2.41 3.53 -1.30
N SER A 306 -2.31 4.28 -2.41
CA SER A 306 -3.19 4.04 -3.55
C SER A 306 -2.95 2.66 -4.13
N ALA A 307 -1.67 2.29 -4.34
CA ALA A 307 -1.36 0.97 -4.87
C ALA A 307 -1.73 -0.13 -3.88
N GLY A 308 -1.60 0.14 -2.58
CA GLY A 308 -2.08 -0.83 -1.59
C GLY A 308 -3.57 -1.07 -1.71
N SER A 309 -4.35 0.01 -1.78
CA SER A 309 -5.79 -0.12 -1.96
C SER A 309 -6.13 -0.81 -3.28
N GLY A 310 -5.33 -0.57 -4.32
CA GLY A 310 -5.54 -1.26 -5.58
C GLY A 310 -5.32 -2.75 -5.46
N CYS A 311 -4.28 -3.16 -4.73
CA CYS A 311 -4.06 -4.58 -4.45
C CYS A 311 -5.23 -5.16 -3.65
N ILE A 312 -5.75 -4.39 -2.68
CA ILE A 312 -6.93 -4.82 -1.93
C ILE A 312 -8.09 -5.08 -2.89
N ALA A 313 -8.36 -4.13 -3.78
CA ALA A 313 -9.44 -4.27 -4.73
C ALA A 313 -9.23 -5.47 -5.64
N ALA A 314 -7.99 -5.70 -6.07
CA ALA A 314 -7.70 -6.82 -6.94
C ALA A 314 -7.98 -8.15 -6.25
N LEU A 315 -7.49 -8.29 -5.01
CA LEU A 315 -7.71 -9.54 -4.29
C LEU A 315 -9.18 -9.78 -3.99
N GLU A 316 -9.89 -8.72 -3.57
CA GLU A 316 -11.30 -8.90 -3.27
C GLU A 316 -12.12 -9.16 -4.52
N ALA A 317 -11.71 -8.62 -5.68
CA ALA A 317 -12.40 -8.92 -6.92
C ALA A 317 -12.13 -10.34 -7.37
N GLU A 318 -10.90 -10.82 -7.19
CA GLU A 318 -10.60 -12.22 -7.46
C GLU A 318 -11.50 -13.12 -6.61
N LYS A 319 -11.58 -12.84 -5.30
CA LYS A 319 -12.46 -13.59 -4.42
C LYS A 319 -13.92 -13.53 -4.87
N PHE A 320 -14.39 -12.35 -5.28
CA PHE A 320 -15.79 -12.19 -5.66
C PHE A 320 -16.10 -12.95 -6.96
N ILE A 321 -15.22 -12.83 -7.95
CA ILE A 321 -15.43 -13.55 -9.21
C ILE A 321 -15.26 -15.05 -9.03
N ALA A 322 -14.53 -15.50 -8.00
CA ALA A 322 -14.48 -16.92 -7.71
C ALA A 322 -15.77 -17.39 -7.04
N GLU A 323 -16.28 -16.61 -6.08
CA GLU A 323 -17.51 -16.97 -5.39
C GLU A 323 -18.73 -16.87 -6.28
N ALA A 324 -18.66 -16.10 -7.37
CA ALA A 324 -19.80 -15.94 -8.25
C ALA A 324 -20.09 -17.23 -9.03
N GLU A 325 -19.07 -17.79 -9.68
CA GLU A 325 -19.25 -18.91 -10.58
C GLU A 325 -19.17 -20.27 -9.89
N SER A 326 -19.28 -20.30 -8.57
CA SER A 326 -19.28 -21.57 -7.83
C SER A 326 -19.90 -21.40 -6.45
N MET B 1 17.39 5.81 20.61
CA MET B 1 18.40 6.45 21.46
C MET B 1 17.95 6.50 22.91
N VAL B 2 18.46 7.50 23.65
CA VAL B 2 18.05 7.67 25.05
C VAL B 2 16.57 8.02 25.12
N HIS B 3 16.13 8.96 24.30
CA HIS B 3 14.72 9.32 24.20
C HIS B 3 14.47 9.83 22.80
N THR B 4 13.66 9.11 22.03
CA THR B 4 13.38 9.43 20.64
C THR B 4 11.95 9.90 20.48
N LYS B 5 11.67 10.44 19.29
CA LYS B 5 10.32 10.93 18.99
C LYS B 5 9.38 9.78 18.66
N VAL B 6 9.82 8.86 17.81
CA VAL B 6 9.00 7.72 17.42
C VAL B 6 9.92 6.53 17.14
N VAL B 7 9.45 5.35 17.54
CA VAL B 7 10.19 4.11 17.37
C VAL B 7 9.32 3.13 16.58
N ILE B 8 9.89 2.53 15.55
CA ILE B 8 9.21 1.54 14.74
C ILE B 8 9.89 0.19 14.99
N ILE B 9 9.07 -0.85 15.19
CA ILE B 9 9.56 -2.18 15.50
C ILE B 9 9.30 -3.08 14.31
N GLY B 10 10.31 -3.82 13.90
CA GLY B 10 10.16 -4.74 12.77
C GLY B 10 11.05 -4.33 11.61
N SER B 11 11.43 -5.33 10.81
CA SER B 11 12.23 -5.09 9.62
C SER B 11 11.40 -5.08 8.34
N GLY B 12 10.09 -5.27 8.46
CA GLY B 12 9.23 -5.48 7.32
C GLY B 12 9.13 -4.30 6.38
N PRO B 13 8.46 -4.52 5.24
CA PRO B 13 8.24 -3.40 4.30
C PRO B 13 7.46 -2.26 4.92
N ALA B 14 6.46 -2.59 5.74
CA ALA B 14 5.66 -1.57 6.41
C ALA B 14 6.53 -0.69 7.30
N ALA B 15 7.42 -1.31 8.08
CA ALA B 15 8.28 -0.56 8.98
C ALA B 15 9.17 0.40 8.20
N HIS B 16 9.75 -0.07 7.10
CA HIS B 16 10.66 0.78 6.34
C HIS B 16 9.92 1.88 5.60
N THR B 17 8.71 1.62 5.13
CA THR B 17 7.94 2.69 4.51
C THR B 17 7.55 3.76 5.52
N ALA B 18 7.06 3.33 6.69
CA ALA B 18 6.76 4.28 7.76
C ALA B 18 8.00 5.07 8.14
N ALA B 19 9.16 4.41 8.21
CA ALA B 19 10.39 5.12 8.56
C ALA B 19 10.79 6.10 7.48
N ILE B 20 10.58 5.74 6.21
CA ILE B 20 10.84 6.67 5.11
C ILE B 20 10.02 7.94 5.30
N TYR B 21 8.72 7.79 5.52
CA TYR B 21 7.87 8.97 5.68
C TYR B 21 8.22 9.76 6.94
N LEU B 22 8.57 9.07 8.03
CA LEU B 22 8.83 9.77 9.28
C LEU B 22 10.16 10.50 9.25
N SER B 23 11.17 9.93 8.59
CA SER B 23 12.44 10.63 8.44
C SER B 23 12.36 11.72 7.39
N ARG B 24 11.45 11.59 6.41
CA ARG B 24 11.18 12.71 5.51
C ARG B 24 10.60 13.89 6.28
N ALA B 25 9.69 13.63 7.21
CA ALA B 25 9.06 14.66 8.03
C ALA B 25 9.99 15.21 9.10
N GLU B 26 11.28 14.86 9.07
CA GLU B 26 12.27 15.31 10.05
C GLU B 26 11.91 14.90 11.47
N LEU B 27 11.12 13.83 11.62
CA LEU B 27 10.69 13.38 12.94
C LEU B 27 11.73 12.52 13.66
N LYS B 28 12.84 12.20 12.99
CA LYS B 28 13.92 11.39 13.55
C LYS B 28 13.40 10.08 14.13
N PRO B 29 12.94 9.15 13.29
CA PRO B 29 12.47 7.86 13.80
C PRO B 29 13.60 6.86 13.99
N VAL B 30 13.47 6.06 15.04
CA VAL B 30 14.36 4.92 15.22
C VAL B 30 13.66 3.68 14.72
N LEU B 31 14.43 2.73 14.19
CA LEU B 31 13.89 1.51 13.60
C LEU B 31 14.63 0.31 14.14
N TYR B 32 13.90 -0.64 14.71
CA TYR B 32 14.47 -1.85 15.29
C TYR B 32 14.21 -3.00 14.31
N GLU B 33 15.20 -3.31 13.49
CA GLU B 33 15.06 -4.37 12.50
C GLU B 33 15.49 -5.74 13.04
N GLY B 34 15.82 -5.84 14.33
CA GLY B 34 16.01 -7.12 14.98
C GLY B 34 17.24 -7.90 14.58
N MET B 35 17.61 -8.88 15.39
CA MET B 35 18.74 -9.75 15.09
C MET B 35 18.26 -11.14 14.69
N ALA B 37 14.61 -13.59 12.90
CA ALA B 37 13.18 -13.68 13.16
C ALA B 37 12.90 -14.40 14.47
N ASN B 38 12.25 -13.70 15.39
CA ASN B 38 11.80 -14.27 16.66
C ASN B 38 10.96 -13.26 17.44
N ALA B 41 12.97 -12.42 9.42
CA ALA B 41 14.37 -12.82 9.48
C ALA B 41 15.25 -11.59 9.66
N ALA B 42 16.54 -11.72 9.39
CA ALA B 42 17.38 -10.53 9.29
C ALA B 42 16.95 -9.74 8.07
N GLY B 43 16.70 -8.46 8.24
CA GLY B 43 16.00 -7.69 7.23
C GLY B 43 14.53 -8.11 7.19
N GLY B 44 13.82 -7.56 6.21
CA GLY B 44 12.42 -7.88 6.07
C GLY B 44 12.18 -9.36 5.88
N GLN B 45 11.07 -9.85 6.44
CA GLN B 45 10.68 -11.24 6.25
C GLN B 45 10.39 -11.56 4.80
N LEU B 46 10.35 -10.54 3.93
CA LEU B 46 10.22 -10.72 2.49
C LEU B 46 11.53 -11.11 1.82
N THR B 47 12.67 -10.98 2.53
CA THR B 47 13.96 -11.25 1.93
C THR B 47 14.10 -12.71 1.53
N THR B 48 13.43 -13.62 2.23
CA THR B 48 13.52 -15.04 1.90
C THR B 48 12.99 -15.34 0.50
N THR B 49 12.12 -14.48 -0.03
CA THR B 49 11.63 -14.65 -1.39
C THR B 49 12.74 -14.34 -2.38
N THR B 50 13.01 -15.29 -3.28
CA THR B 50 14.11 -15.13 -4.24
C THR B 50 13.85 -13.96 -5.18
N ASP B 51 12.67 -13.92 -5.80
CA ASP B 51 12.30 -12.85 -6.71
C ASP B 51 10.85 -12.46 -6.48
N ILE B 52 10.58 -11.16 -6.54
CA ILE B 52 9.24 -10.61 -6.35
C ILE B 52 8.85 -9.90 -7.65
N GLU B 53 7.81 -10.40 -8.31
CA GLU B 53 7.33 -9.80 -9.55
C GLU B 53 5.99 -9.09 -9.39
N ASN B 54 5.30 -9.27 -8.27
CA ASN B 54 3.99 -8.69 -8.06
C ASN B 54 4.05 -7.34 -7.33
N PHE B 55 5.20 -6.67 -7.33
CA PHE B 55 5.32 -5.36 -6.73
C PHE B 55 5.36 -4.30 -7.83
N PRO B 56 4.61 -3.22 -7.71
CA PRO B 56 4.54 -2.24 -8.80
C PRO B 56 5.84 -1.46 -8.93
N GLY B 57 6.18 -1.13 -10.18
CA GLY B 57 7.38 -0.39 -10.51
C GLY B 57 8.55 -1.22 -10.96
N PHE B 58 8.42 -2.55 -10.94
CA PHE B 58 9.49 -3.47 -11.33
C PHE B 58 8.93 -4.45 -12.34
N PRO B 59 8.90 -4.08 -13.62
CA PRO B 59 8.28 -4.96 -14.63
C PRO B 59 9.01 -6.27 -14.84
N ASP B 60 10.31 -6.32 -14.56
CA ASP B 60 11.09 -7.55 -14.72
C ASP B 60 11.34 -8.24 -13.38
N GLY B 61 10.47 -8.01 -12.40
CA GLY B 61 10.66 -8.60 -11.09
C GLY B 61 11.80 -7.98 -10.31
N ILE B 62 11.94 -8.36 -9.04
CA ILE B 62 13.00 -7.84 -8.20
C ILE B 62 13.16 -8.77 -7.01
N GLY B 63 14.42 -9.08 -6.68
CA GLY B 63 14.70 -9.90 -5.51
C GLY B 63 14.26 -9.25 -4.22
N GLY B 64 13.58 -10.02 -3.37
CA GLY B 64 13.14 -9.47 -2.10
C GLY B 64 14.29 -9.01 -1.22
N ALA B 65 15.43 -9.70 -1.29
CA ALA B 65 16.60 -9.30 -0.52
C ALA B 65 17.04 -7.89 -0.90
N GLU B 66 17.31 -7.66 -2.19
CA GLU B 66 17.73 -6.34 -2.62
C GLU B 66 16.61 -5.31 -2.53
N LEU B 67 15.35 -5.73 -2.59
CA LEU B 67 14.26 -4.78 -2.38
C LEU B 67 14.23 -4.26 -0.95
N MET B 68 14.36 -5.16 0.02
CA MET B 68 14.44 -4.72 1.40
C MET B 68 15.73 -3.94 1.65
N GLU B 69 16.82 -4.30 0.97
CA GLU B 69 18.04 -3.52 1.07
C GLU B 69 17.84 -2.10 0.56
N ASN B 70 17.09 -1.95 -0.53
CA ASN B 70 16.82 -0.63 -1.08
C ASN B 70 15.91 0.17 -0.17
N MET B 71 14.91 -0.48 0.44
CA MET B 71 14.06 0.22 1.39
C MET B 71 14.85 0.68 2.61
N ARG B 72 15.76 -0.18 3.10
CA ARG B 72 16.61 0.21 4.21
C ARG B 72 17.53 1.36 3.83
N LYS B 73 18.09 1.33 2.61
CA LYS B 73 18.93 2.43 2.16
C LYS B 73 18.14 3.72 2.07
N GLN B 74 16.88 3.64 1.60
CA GLN B 74 16.02 4.82 1.56
C GLN B 74 15.80 5.38 2.96
N SER B 75 15.45 4.50 3.91
CA SER B 75 15.20 4.95 5.28
C SER B 75 16.44 5.60 5.88
N ILE B 76 17.60 4.98 5.69
CA ILE B 76 18.83 5.53 6.28
C ILE B 76 19.23 6.83 5.60
N ARG B 77 19.00 6.93 4.28
CA ARG B 77 19.29 8.16 3.57
C ARG B 77 18.40 9.30 4.06
N PHE B 78 17.14 9.01 4.33
CA PHE B 78 16.23 10.06 4.81
C PHE B 78 16.47 10.43 6.27
N GLY B 79 17.18 9.60 7.03
CA GLY B 79 17.54 9.97 8.38
C GLY B 79 17.01 9.03 9.45
N THR B 80 16.52 7.86 9.06
CA THR B 80 16.03 6.88 10.01
C THR B 80 17.22 6.17 10.66
N GLU B 81 17.36 6.33 11.97
CA GLU B 81 18.43 5.67 12.72
C GLU B 81 18.04 4.23 12.95
N VAL B 82 18.45 3.35 12.04
CA VAL B 82 18.15 1.94 12.11
C VAL B 82 19.26 1.24 12.87
N ILE B 83 18.90 0.46 13.89
CA ILE B 83 19.84 -0.30 14.68
C ILE B 83 19.40 -1.76 14.68
N THR B 84 20.34 -2.65 14.38
CA THR B 84 20.06 -4.08 14.22
C THR B 84 19.99 -4.73 15.61
N GLU B 85 18.86 -4.53 16.27
CA GLU B 85 18.63 -5.06 17.61
C GLU B 85 17.19 -5.50 17.76
N THR B 86 16.98 -6.63 18.42
CA THR B 86 15.65 -7.16 18.67
C THR B 86 15.09 -6.55 19.96
N ILE B 87 13.78 -6.29 19.96
CA ILE B 87 13.10 -5.72 21.11
C ILE B 87 12.62 -6.85 22.00
N SER B 88 12.99 -6.81 23.28
CA SER B 88 12.62 -7.84 24.23
C SER B 88 11.25 -7.56 24.87
N ARG B 89 11.17 -6.47 25.62
CA ARG B 89 9.98 -6.14 26.38
C ARG B 89 9.55 -4.71 26.10
N VAL B 90 8.24 -4.48 26.21
CA VAL B 90 7.65 -3.16 26.06
C VAL B 90 6.90 -2.83 27.35
N ASP B 91 6.79 -1.52 27.63
CA ASP B 91 6.03 -1.04 28.80
C ASP B 91 5.05 0.02 28.32
N LEU B 92 3.90 -0.43 27.83
CA LEU B 92 2.84 0.47 27.41
C LEU B 92 1.92 0.76 28.60
N SER B 93 2.49 1.49 29.56
CA SER B 93 1.76 1.90 30.75
C SER B 93 2.08 3.36 31.07
N SER B 94 3.36 3.68 31.12
CA SER B 94 3.78 5.06 31.33
C SER B 94 3.46 5.89 30.09
N LYS B 95 3.38 7.21 30.28
CA LYS B 95 3.15 8.11 29.16
C LYS B 95 4.22 7.98 28.08
N PRO B 96 5.53 7.93 28.40
CA PRO B 96 6.50 7.56 27.35
C PRO B 96 6.63 6.04 27.21
N PHE B 97 6.54 5.55 25.98
CA PHE B 97 6.61 4.11 25.74
C PHE B 97 8.07 3.66 25.81
N LYS B 98 8.38 2.77 26.74
CA LYS B 98 9.73 2.27 26.94
C LYS B 98 9.87 0.87 26.36
N LEU B 99 11.00 0.61 25.72
CA LEU B 99 11.28 -0.67 25.11
C LEU B 99 12.71 -1.08 25.43
N TRP B 100 12.87 -2.36 25.75
CA TRP B 100 14.18 -2.95 26.03
C TRP B 100 14.66 -3.73 24.81
N THR B 101 15.87 -4.29 24.94
CA THR B 101 16.49 -5.07 23.87
C THR B 101 16.69 -6.50 24.36
N GLU B 102 16.51 -7.47 23.46
CA GLU B 102 16.74 -8.86 23.81
C GLU B 102 18.19 -9.05 24.25
N TRP B 103 18.36 -9.81 25.34
CA TRP B 103 19.61 -10.01 26.07
C TRP B 103 20.03 -8.76 26.84
N ASN B 104 19.27 -7.67 26.76
CA ASN B 104 19.45 -6.51 27.62
C ASN B 104 18.25 -6.28 28.53
N ASP B 105 17.25 -7.16 28.49
CA ASP B 105 16.05 -6.99 29.30
C ASP B 105 16.36 -7.25 30.77
N GLY B 106 15.53 -6.65 31.62
CA GLY B 106 15.67 -6.81 33.06
C GLY B 106 14.69 -5.93 33.81
N PRO B 107 14.14 -6.46 34.90
CA PRO B 107 13.19 -5.66 35.70
C PRO B 107 13.83 -4.44 36.34
N ASP B 108 15.15 -4.45 36.56
CA ASP B 108 15.87 -3.30 37.07
C ASP B 108 16.76 -2.65 36.02
N LYS B 109 16.77 -3.17 34.80
CA LYS B 109 17.60 -2.61 33.74
C LYS B 109 16.88 -1.45 33.07
N GLU B 110 17.65 -0.41 32.71
CA GLU B 110 17.08 0.76 32.09
C GLU B 110 16.60 0.42 30.67
N PRO B 111 15.51 1.04 30.22
CA PRO B 111 15.00 0.76 28.87
C PRO B 111 16.01 1.15 27.80
N ALA B 112 16.02 0.39 26.71
CA ALA B 112 16.93 0.67 25.62
C ALA B 112 16.51 1.92 24.86
N CYS B 113 15.20 2.12 24.65
CA CYS B 113 14.74 3.29 23.94
C CYS B 113 13.32 3.62 24.38
N THR B 114 13.08 4.89 24.70
CA THR B 114 11.75 5.39 24.98
C THR B 114 11.33 6.38 23.91
N ALA B 115 10.03 6.43 23.63
CA ALA B 115 9.51 7.28 22.58
C ALA B 115 8.08 7.66 22.87
N ASP B 116 7.66 8.80 22.31
CA ASP B 116 6.29 9.26 22.45
C ASP B 116 5.32 8.42 21.64
N ALA B 117 5.80 7.69 20.64
CA ALA B 117 4.95 6.87 19.79
C ALA B 117 5.75 5.70 19.24
N VAL B 118 5.06 4.60 18.97
CA VAL B 118 5.69 3.38 18.46
C VAL B 118 4.82 2.80 17.35
N ILE B 119 5.42 2.62 16.19
CA ILE B 119 4.81 1.92 15.06
C ILE B 119 5.22 0.45 15.13
N ILE B 120 4.29 -0.45 14.81
CA ILE B 120 4.53 -1.88 14.85
C ILE B 120 4.40 -2.44 13.45
N ALA B 121 5.44 -3.14 13.00
CA ALA B 121 5.44 -3.88 11.74
C ALA B 121 6.28 -5.14 11.90
N THR B 122 6.14 -5.80 13.05
CA THR B 122 6.94 -6.98 13.38
C THR B 122 6.66 -8.17 12.47
N GLY B 123 5.69 -8.07 11.57
CA GLY B 123 5.44 -9.09 10.60
C GLY B 123 4.60 -10.24 11.14
N ALA B 124 4.02 -10.99 10.22
CA ALA B 124 3.25 -12.20 10.53
C ALA B 124 3.69 -13.29 9.56
N ASN B 125 4.91 -13.78 9.76
CA ASN B 125 5.50 -14.77 8.86
C ASN B 125 4.73 -16.08 8.95
N ALA B 126 4.40 -16.65 7.79
CA ALA B 126 3.69 -17.92 7.76
C ALA B 126 4.55 -19.03 8.34
N ARG B 127 3.93 -19.91 9.11
CA ARG B 127 4.66 -20.99 9.76
C ARG B 127 5.28 -21.93 8.73
N ARG B 128 6.48 -22.38 9.00
CA ARG B 128 7.19 -23.33 8.16
C ARG B 128 7.32 -24.66 8.88
N LEU B 129 7.19 -25.76 8.12
CA LEU B 129 7.26 -27.08 8.71
C LEU B 129 8.67 -27.51 9.08
N ASN B 130 9.69 -26.75 8.66
CA ASN B 130 11.09 -27.11 8.89
C ASN B 130 11.39 -28.51 8.38
N LEU B 131 10.78 -28.85 7.25
CA LEU B 131 10.91 -30.18 6.68
C LEU B 131 12.32 -30.42 6.16
N PRO B 132 12.74 -31.68 6.06
CA PRO B 132 14.01 -31.98 5.40
C PRO B 132 13.95 -31.59 3.93
N GLY B 133 14.96 -30.86 3.48
CA GLY B 133 14.98 -30.30 2.15
C GLY B 133 14.36 -28.92 2.04
N GLU B 134 13.58 -28.50 3.03
CA GLU B 134 13.00 -27.15 3.01
C GLU B 134 14.09 -26.10 2.99
N GLU B 135 15.06 -26.20 3.91
CA GLU B 135 16.18 -25.27 3.93
C GLU B 135 17.05 -25.37 2.69
N THR B 136 16.87 -26.40 1.87
CA THR B 136 17.60 -26.55 0.62
C THR B 136 16.84 -25.94 -0.55
N TYR B 137 15.55 -26.24 -0.67
CA TYR B 137 14.71 -25.73 -1.76
C TYR B 137 13.81 -24.59 -1.30
N TRP B 138 14.24 -23.81 -0.32
CA TRP B 138 13.41 -22.72 0.18
C TRP B 138 13.30 -21.63 -0.88
N GLN B 139 12.06 -21.32 -1.26
CA GLN B 139 11.74 -20.39 -2.34
C GLN B 139 12.34 -20.84 -3.68
N ASN B 140 12.77 -22.09 -3.76
CA ASN B 140 13.15 -22.71 -5.01
C ASN B 140 12.17 -23.84 -5.30
N GLY B 141 10.88 -23.55 -5.12
CA GLY B 141 9.82 -24.54 -5.19
C GLY B 141 8.99 -24.66 -3.93
N ILE B 142 9.43 -24.07 -2.83
CA ILE B 142 8.72 -24.12 -1.55
C ILE B 142 8.40 -22.70 -1.14
N SER B 143 7.11 -22.40 -0.98
CA SER B 143 6.66 -21.07 -0.60
C SER B 143 5.51 -21.20 0.40
N ALA B 144 4.91 -20.07 0.74
CA ALA B 144 3.77 -20.03 1.64
C ALA B 144 2.61 -19.17 1.16
N CYS B 145 2.85 -18.26 0.22
CA CYS B 145 1.81 -17.44 -0.38
C CYS B 145 1.65 -17.82 -1.85
N ALA B 146 0.47 -18.32 -2.21
CA ALA B 146 0.24 -18.74 -3.59
C ALA B 146 0.05 -17.55 -4.51
N VAL B 147 -0.64 -16.50 -4.04
CA VAL B 147 -0.80 -15.27 -4.81
C VAL B 147 0.52 -14.61 -5.11
N CYS B 148 1.60 -15.04 -4.45
CA CYS B 148 2.93 -14.47 -4.61
C CYS B 148 3.81 -15.28 -5.56
N ASP B 149 3.70 -16.61 -5.54
CA ASP B 149 4.54 -17.47 -6.37
C ASP B 149 3.73 -18.32 -7.34
N GLY B 150 2.42 -18.08 -7.48
CA GLY B 150 1.61 -18.94 -8.31
C GLY B 150 1.92 -18.80 -9.80
N ALA B 151 2.23 -17.59 -10.24
CA ALA B 151 2.44 -17.34 -11.66
C ALA B 151 3.88 -17.58 -12.11
N VAL B 152 4.73 -18.08 -11.24
CA VAL B 152 6.11 -18.40 -11.63
C VAL B 152 6.08 -19.51 -12.67
N PRO B 153 6.81 -19.39 -13.78
CA PRO B 153 6.76 -20.43 -14.82
C PRO B 153 7.17 -21.81 -14.34
N ILE B 154 7.93 -21.91 -13.25
CA ILE B 154 8.33 -23.21 -12.74
C ILE B 154 7.18 -23.98 -12.10
N PHE B 155 6.01 -23.36 -11.98
CA PHE B 155 4.83 -24.01 -11.45
C PHE B 155 3.71 -24.17 -12.47
N ARG B 156 3.88 -23.63 -13.68
CA ARG B 156 2.83 -23.70 -14.68
C ARG B 156 2.74 -25.11 -15.25
N ASN B 157 1.52 -25.67 -15.22
CA ASN B 157 1.25 -27.01 -15.73
C ASN B 157 2.15 -28.07 -15.08
N LYS B 158 2.37 -27.92 -13.78
CA LYS B 158 3.17 -28.82 -12.98
C LYS B 158 2.39 -29.25 -11.74
N PRO B 159 2.64 -30.45 -11.22
CA PRO B 159 1.92 -30.88 -10.01
C PRO B 159 2.29 -29.99 -8.82
N LEU B 160 1.26 -29.44 -8.18
CA LEU B 160 1.41 -28.52 -7.06
C LEU B 160 0.81 -29.13 -5.81
N TYR B 161 1.58 -29.15 -4.73
CA TYR B 161 1.15 -29.72 -3.46
C TYR B 161 1.09 -28.63 -2.42
N VAL B 162 0.05 -28.66 -1.58
CA VAL B 162 -0.18 -27.64 -0.57
C VAL B 162 -0.39 -28.34 0.77
N ILE B 163 0.32 -27.88 1.80
CA ILE B 163 0.13 -28.40 3.15
C ILE B 163 -0.68 -27.40 3.97
N GLY B 165 -4.19 -27.23 6.70
CA GLY B 165 -5.56 -27.68 6.75
C GLY B 165 -6.57 -26.58 7.03
N GLY B 166 -6.09 -25.41 7.43
CA GLY B 166 -6.97 -24.27 7.60
C GLY B 166 -7.49 -23.73 6.27
N ASP B 167 -8.40 -22.78 6.37
CA ASP B 167 -8.93 -22.13 5.17
C ASP B 167 -7.82 -21.44 4.38
N SER B 168 -6.79 -20.95 5.08
CA SER B 168 -5.61 -20.39 4.44
C SER B 168 -5.01 -21.34 3.41
N ALA B 169 -5.37 -22.62 3.45
CA ALA B 169 -4.92 -23.57 2.44
C ALA B 169 -5.82 -23.55 1.21
N ALA B 170 -7.14 -23.57 1.42
CA ALA B 170 -8.06 -23.64 0.28
C ALA B 170 -8.07 -22.32 -0.49
N GLU B 171 -8.03 -21.20 0.22
CA GLU B 171 -8.00 -19.89 -0.43
C GLU B 171 -6.84 -19.79 -1.41
N GLU B 172 -5.75 -20.50 -1.17
CA GLU B 172 -4.60 -20.51 -2.05
C GLU B 172 -4.60 -21.67 -3.04
N ALA B 173 -5.21 -22.80 -2.69
CA ALA B 173 -5.25 -23.94 -3.60
C ALA B 173 -6.21 -23.73 -4.75
N MET B 174 -7.41 -23.22 -4.46
CA MET B 174 -8.35 -22.92 -5.54
C MET B 174 -7.84 -21.82 -6.45
N PHE B 175 -6.84 -21.06 -6.01
CA PHE B 175 -6.17 -20.07 -6.83
C PHE B 175 -5.01 -20.68 -7.63
N LEU B 176 -4.23 -21.56 -6.99
CA LEU B 176 -3.16 -22.27 -7.70
C LEU B 176 -3.72 -23.14 -8.80
N ALA B 177 -4.98 -23.57 -8.68
CA ALA B 177 -5.60 -24.38 -9.72
C ALA B 177 -5.59 -23.68 -11.09
N LYS B 178 -5.36 -22.37 -11.12
CA LYS B 178 -5.27 -21.63 -12.36
C LYS B 178 -3.90 -21.75 -13.03
N TYR B 179 -2.98 -22.55 -12.48
CA TYR B 179 -1.65 -22.68 -13.05
C TYR B 179 -1.24 -24.12 -13.23
N GLY B 180 -0.99 -24.82 -12.13
CA GLY B 180 -0.41 -26.16 -12.20
C GLY B 180 -1.33 -27.15 -12.89
N SER B 181 -0.73 -28.27 -13.31
CA SER B 181 -1.48 -29.29 -14.01
C SER B 181 -2.40 -30.05 -13.06
N SER B 182 -1.97 -30.25 -11.82
CA SER B 182 -2.77 -30.97 -10.84
C SER B 182 -2.40 -30.48 -9.45
N VAL B 183 -3.31 -29.79 -8.80
CA VAL B 183 -3.11 -29.30 -7.44
C VAL B 183 -3.66 -30.33 -6.46
N THR B 184 -2.87 -30.66 -5.45
CA THR B 184 -3.27 -31.59 -4.41
C THR B 184 -3.09 -30.95 -3.04
N VAL B 185 -4.02 -31.21 -2.14
CA VAL B 185 -4.05 -30.61 -0.81
C VAL B 185 -3.77 -31.71 0.21
N LEU B 186 -2.70 -31.54 0.98
CA LEU B 186 -2.31 -32.50 2.01
C LEU B 186 -2.85 -32.01 3.35
N VAL B 187 -3.71 -32.82 3.97
CA VAL B 187 -4.31 -32.50 5.25
C VAL B 187 -3.68 -33.38 6.32
N ARG B 188 -3.29 -32.77 7.43
CA ARG B 188 -2.72 -33.50 8.56
C ARG B 188 -3.74 -34.46 9.14
N ARG B 189 -4.99 -34.04 9.18
CA ARG B 189 -6.06 -34.83 9.75
C ARG B 189 -7.24 -34.95 8.78
N ASP B 190 -8.04 -36.00 8.95
CA ASP B 190 -9.16 -36.26 8.06
C ASP B 190 -10.19 -35.14 8.12
N LYS B 191 -10.76 -34.81 6.97
CA LYS B 191 -11.73 -33.73 6.83
C LYS B 191 -11.02 -32.38 6.69
N LEU B 192 -11.81 -31.31 6.58
CA LEU B 192 -11.25 -29.97 6.42
C LEU B 192 -11.64 -29.05 7.55
N ARG B 193 -10.65 -28.35 8.11
CA ARG B 193 -10.92 -27.39 9.18
C ARG B 193 -11.74 -26.22 8.67
N ALA B 194 -11.43 -25.78 7.45
CA ALA B 194 -12.13 -24.65 6.83
C ALA B 194 -13.65 -24.81 6.88
N SER B 195 -14.38 -23.71 6.76
CA SER B 195 -15.83 -23.76 6.75
C SER B 195 -16.31 -24.54 5.52
N LYS B 196 -17.59 -24.92 5.57
CA LYS B 196 -18.13 -25.85 4.56
C LYS B 196 -18.16 -25.25 3.16
N ALA B 197 -18.15 -23.92 3.03
CA ALA B 197 -18.27 -23.31 1.71
C ALA B 197 -17.03 -23.56 0.85
N MET B 198 -15.84 -23.28 1.40
CA MET B 198 -14.62 -23.50 0.64
C MET B 198 -14.39 -24.98 0.35
N ALA B 199 -14.69 -25.85 1.31
CA ALA B 199 -14.58 -27.29 1.06
C ALA B 199 -15.54 -27.73 -0.03
N LYS B 200 -16.76 -27.18 -0.03
CA LYS B 200 -17.76 -27.55 -1.02
C LYS B 200 -17.32 -27.12 -2.42
N ARG B 201 -16.84 -25.89 -2.56
CA ARG B 201 -16.41 -25.43 -3.87
C ARG B 201 -14.99 -25.88 -4.23
N LEU B 202 -14.29 -26.54 -3.30
CA LEU B 202 -12.96 -27.06 -3.55
C LEU B 202 -12.98 -28.52 -3.98
N LEU B 203 -13.70 -29.37 -3.24
CA LEU B 203 -13.85 -30.76 -3.67
C LEU B 203 -14.59 -30.86 -4.99
N ALA B 204 -15.49 -29.91 -5.27
CA ALA B 204 -16.17 -29.84 -6.55
C ALA B 204 -15.33 -29.17 -7.63
N HIS B 205 -14.23 -28.51 -7.25
CA HIS B 205 -13.35 -27.92 -8.26
C HIS B 205 -12.57 -29.04 -8.95
N PRO B 206 -12.55 -29.09 -10.28
CA PRO B 206 -12.01 -30.26 -10.97
C PRO B 206 -10.49 -30.34 -11.00
N LYS B 207 -9.77 -29.23 -10.83
CA LYS B 207 -8.32 -29.22 -10.96
C LYS B 207 -7.60 -29.35 -9.62
N VAL B 208 -8.27 -29.87 -8.60
CA VAL B 208 -7.66 -30.01 -7.29
C VAL B 208 -8.23 -31.25 -6.60
N THR B 209 -7.33 -32.05 -6.03
CA THR B 209 -7.69 -33.18 -5.19
C THR B 209 -7.29 -32.90 -3.75
N VAL B 210 -7.92 -33.62 -2.82
CA VAL B 210 -7.70 -33.43 -1.39
C VAL B 210 -7.36 -34.79 -0.80
N ARG B 211 -6.08 -35.02 -0.49
CA ARG B 211 -5.65 -36.27 0.14
C ARG B 211 -5.62 -36.05 1.65
N PHE B 212 -6.62 -36.58 2.34
CA PHE B 212 -6.69 -36.45 3.79
C PHE B 212 -5.69 -37.39 4.45
N ASN B 213 -5.36 -37.08 5.71
CA ASN B 213 -4.46 -37.89 6.53
C ASN B 213 -3.10 -38.09 5.86
N THR B 214 -2.67 -37.12 5.07
CA THR B 214 -1.41 -37.22 4.32
C THR B 214 -0.58 -35.99 4.61
N VAL B 215 0.64 -36.21 5.11
CA VAL B 215 1.61 -35.15 5.37
C VAL B 215 2.89 -35.46 4.63
N ALA B 216 3.57 -34.42 4.17
CA ALA B 216 4.83 -34.58 3.44
C ALA B 216 5.95 -34.94 4.40
N THR B 217 6.55 -36.12 4.20
CA THR B 217 7.69 -36.51 5.02
C THR B 217 8.93 -35.71 4.67
N GLU B 218 9.26 -35.64 3.38
CA GLU B 218 10.44 -34.89 2.96
C GLU B 218 10.21 -34.31 1.57
N VAL B 219 11.09 -33.36 1.21
CA VAL B 219 10.97 -32.60 -0.03
C VAL B 219 12.20 -32.90 -0.88
N LEU B 220 12.02 -33.68 -1.94
CA LEU B 220 13.10 -34.07 -2.81
C LEU B 220 13.15 -33.17 -4.04
N GLY B 221 14.32 -33.12 -4.67
CA GLY B 221 14.49 -32.30 -5.86
C GLY B 221 15.88 -32.44 -6.42
N GLU B 222 16.29 -31.43 -7.17
CA GLU B 222 17.63 -31.40 -7.74
C GLU B 222 18.66 -31.10 -6.65
N LYS B 223 19.94 -31.10 -7.04
CA LYS B 223 21.03 -30.77 -6.15
C LYS B 223 22.08 -29.98 -6.92
N LYS B 224 21.67 -28.83 -7.45
CA LYS B 224 22.53 -27.94 -8.21
C LYS B 224 22.31 -26.52 -7.71
N PRO B 225 23.21 -25.59 -8.05
CA PRO B 225 22.99 -24.19 -7.67
C PRO B 225 21.63 -23.69 -8.13
N ASN B 226 20.85 -23.18 -7.17
CA ASN B 226 19.45 -22.81 -7.38
C ASN B 226 18.66 -24.01 -7.90
N GLY B 227 18.83 -25.14 -7.24
CA GLY B 227 18.14 -26.34 -7.65
C GLY B 227 16.66 -26.29 -7.27
N LEU B 228 15.82 -26.79 -8.16
CA LEU B 228 14.38 -26.73 -7.98
C LEU B 228 13.87 -27.98 -7.29
N MET B 229 12.78 -27.82 -6.54
CA MET B 229 12.11 -28.97 -5.95
C MET B 229 11.38 -29.75 -7.04
N THR B 230 11.56 -31.06 -7.05
CA THR B 230 10.95 -31.91 -8.06
C THR B 230 9.93 -32.89 -7.51
N HIS B 231 10.14 -33.43 -6.30
CA HIS B 231 9.28 -34.50 -5.80
C HIS B 231 9.02 -34.29 -4.31
N LEU B 232 8.08 -35.07 -3.78
CA LEU B 232 7.66 -34.94 -2.39
C LEU B 232 7.35 -36.33 -1.85
N ARG B 233 8.07 -36.75 -0.81
CA ARG B 233 7.75 -37.97 -0.10
C ARG B 233 6.71 -37.63 0.96
N ILE B 234 5.48 -38.10 0.74
CA ILE B 234 4.35 -37.84 1.62
C ILE B 234 3.96 -39.15 2.30
N LYS B 235 3.44 -39.05 3.52
CA LYS B 235 3.15 -40.22 4.34
C LYS B 235 1.69 -40.16 4.79
N ASN B 236 0.88 -41.09 4.29
CA ASN B 236 -0.46 -41.29 4.83
C ASN B 236 -0.35 -41.82 6.25
N THR B 237 -1.04 -41.15 7.19
CA THR B 237 -0.80 -41.32 8.61
C THR B 237 -1.74 -42.33 9.28
N VAL B 238 -2.55 -43.05 8.51
CA VAL B 238 -3.42 -44.05 9.10
C VAL B 238 -2.81 -45.43 8.88
N THR B 239 -1.99 -45.55 7.83
CA THR B 239 -1.26 -46.79 7.55
C THR B 239 0.25 -46.61 7.63
N GLY B 240 0.73 -45.43 8.03
CA GLY B 240 2.15 -45.15 7.97
C GLY B 240 2.72 -45.33 6.59
N GLU B 241 1.89 -45.10 5.57
CA GLU B 241 2.22 -45.46 4.19
C GLU B 241 2.96 -44.30 3.55
N GLU B 242 4.28 -44.44 3.42
CA GLU B 242 5.08 -43.43 2.76
C GLU B 242 5.12 -43.69 1.26
N GLU B 243 5.18 -42.61 0.49
CA GLU B 243 5.06 -42.69 -0.97
C GLU B 243 5.59 -41.39 -1.56
N ILE B 244 6.47 -41.50 -2.54
CA ILE B 244 7.10 -40.34 -3.15
C ILE B 244 6.39 -40.03 -4.46
N VAL B 245 5.95 -38.79 -4.62
CA VAL B 245 5.12 -38.38 -5.74
C VAL B 245 5.75 -37.18 -6.43
N ASP B 246 5.31 -36.93 -7.66
CA ASP B 246 5.77 -35.77 -8.42
C ASP B 246 5.18 -34.49 -7.83
N ALA B 247 6.05 -33.53 -7.52
CA ALA B 247 5.60 -32.27 -6.92
C ALA B 247 6.66 -31.21 -7.23
N ASN B 248 6.41 -30.40 -8.25
CA ASN B 248 7.35 -29.34 -8.58
C ASN B 248 7.27 -28.16 -7.62
N GLY B 249 6.11 -27.97 -7.01
CA GLY B 249 5.93 -26.86 -6.07
C GLY B 249 5.22 -27.31 -4.81
N LEU B 250 5.72 -26.83 -3.68
CA LEU B 250 5.14 -27.09 -2.37
C LEU B 250 4.79 -25.76 -1.72
N PHE B 251 3.58 -25.64 -1.21
CA PHE B 251 3.08 -24.40 -0.63
C PHE B 251 2.62 -24.64 0.79
N TYR B 252 3.29 -23.97 1.74
CA TYR B 252 2.91 -24.06 3.14
C TYR B 252 1.66 -23.24 3.41
N ALA B 253 0.76 -23.81 4.21
CA ALA B 253 -0.49 -23.13 4.51
C ALA B 253 -0.89 -23.25 5.98
N VAL B 254 0.01 -23.73 6.85
CA VAL B 254 -0.26 -23.73 8.27
C VAL B 254 -0.39 -22.29 8.75
N GLY B 255 -1.25 -22.08 9.75
CA GLY B 255 -1.59 -20.76 10.24
C GLY B 255 -0.42 -19.85 10.50
N HIS B 256 -0.54 -18.60 10.05
CA HIS B 256 0.54 -17.63 10.25
C HIS B 256 0.67 -17.27 11.72
N ASP B 257 1.92 -17.02 12.14
CA ASP B 257 2.21 -16.65 13.51
C ASP B 257 2.57 -15.17 13.59
N PRO B 258 1.63 -14.30 13.95
CA PRO B 258 1.96 -12.87 14.05
C PRO B 258 2.79 -12.59 15.30
N ALA B 259 3.77 -11.71 15.16
CA ALA B 259 4.69 -11.37 16.25
C ALA B 259 4.03 -10.33 17.15
N THR B 260 3.03 -10.78 17.90
CA THR B 260 2.30 -9.95 18.84
C THR B 260 2.55 -10.37 20.29
N ALA B 261 3.62 -11.11 20.54
CA ALA B 261 3.94 -11.56 21.89
C ALA B 261 4.43 -10.42 22.77
N LEU B 262 4.95 -9.34 22.18
CA LEU B 262 5.48 -8.25 22.98
C LEU B 262 4.38 -7.51 23.72
N VAL B 263 3.21 -7.38 23.10
CA VAL B 263 2.14 -6.59 23.70
C VAL B 263 1.52 -7.33 24.88
N LYS B 264 1.36 -8.66 24.75
CA LYS B 264 0.91 -9.53 25.84
C LYS B 264 -0.31 -9.00 26.57
N GLY B 265 -1.14 -8.21 25.87
CA GLY B 265 -2.33 -7.62 26.45
C GLY B 265 -2.25 -6.12 26.65
N GLN B 266 -1.05 -5.53 26.61
CA GLN B 266 -0.93 -4.07 26.65
C GLN B 266 -1.72 -3.45 25.51
N ILE B 267 -1.47 -3.90 24.30
CA ILE B 267 -2.43 -3.76 23.21
C ILE B 267 -3.23 -5.05 23.15
N ASP B 268 -4.49 -4.93 22.76
CA ASP B 268 -5.40 -6.07 22.76
C ASP B 268 -5.42 -6.70 21.37
N LEU B 269 -5.54 -8.02 21.35
CA LEU B 269 -5.38 -8.83 20.14
C LEU B 269 -6.68 -9.55 19.80
N ASP B 270 -6.62 -10.40 18.78
CA ASP B 270 -7.73 -11.21 18.33
C ASP B 270 -7.51 -12.67 18.75
N GLU B 271 -8.35 -13.56 18.23
CA GLU B 271 -8.22 -14.97 18.56
C GLU B 271 -7.05 -15.63 17.83
N ASP B 272 -6.80 -15.21 16.58
CA ASP B 272 -5.70 -15.76 15.81
C ASP B 272 -4.34 -15.21 16.25
N GLY B 273 -4.31 -14.15 17.05
CA GLY B 273 -3.09 -13.56 17.55
C GLY B 273 -2.77 -12.20 16.99
N TYR B 274 -3.31 -11.85 15.82
CA TYR B 274 -2.98 -10.60 15.16
C TYR B 274 -3.35 -9.40 16.04
N ILE B 275 -2.72 -8.26 15.76
CA ILE B 275 -3.03 -7.02 16.44
C ILE B 275 -4.28 -6.41 15.81
N ILE B 276 -5.25 -6.04 16.65
CA ILE B 276 -6.48 -5.44 16.19
C ILE B 276 -6.30 -3.93 16.14
N THR B 277 -6.49 -3.34 14.96
CA THR B 277 -6.54 -1.90 14.79
C THR B 277 -7.83 -1.54 14.07
N LYS B 278 -8.13 -0.24 14.04
CA LYS B 278 -9.32 0.22 13.35
C LYS B 278 -9.22 -0.08 11.86
N PRO B 279 -10.34 -0.40 11.20
CA PRO B 279 -10.28 -0.79 9.79
C PRO B 279 -9.81 0.35 8.90
N GLY B 280 -8.76 0.07 8.12
CA GLY B 280 -8.23 1.04 7.19
C GLY B 280 -7.27 2.05 7.78
N THR B 281 -6.79 1.83 8.98
CA THR B 281 -5.88 2.76 9.65
C THR B 281 -4.78 1.95 10.32
N SER B 282 -4.16 2.55 11.34
CA SER B 282 -3.20 1.85 12.18
C SER B 282 -3.46 2.07 13.66
N TYR B 283 -4.50 2.85 14.02
CA TYR B 283 -4.84 3.09 15.41
C TYR B 283 -5.14 1.77 16.12
N THR B 284 -4.24 1.36 17.01
CA THR B 284 -4.40 0.11 17.73
C THR B 284 -5.50 0.25 18.79
N SER B 285 -5.57 -0.72 19.69
CA SER B 285 -6.47 -0.63 20.85
C SER B 285 -6.03 0.43 21.85
N ARG B 286 -4.91 1.11 21.59
CA ARG B 286 -4.38 2.14 22.46
C ARG B 286 -3.76 3.25 21.64
N GLU B 287 -3.96 4.49 22.08
CA GLU B 287 -3.38 5.64 21.40
C GLU B 287 -1.85 5.60 21.51
N GLY B 288 -1.20 6.45 20.73
CA GLY B 288 0.26 6.48 20.72
C GLY B 288 0.95 5.35 20.00
N VAL B 289 0.49 4.11 20.21
CA VAL B 289 1.06 2.95 19.55
C VAL B 289 0.17 2.56 18.37
N PHE B 290 0.78 2.43 17.20
CA PHE B 290 0.06 2.06 15.99
C PHE B 290 0.73 0.85 15.36
N ALA B 291 -0.08 -0.05 14.82
CA ALA B 291 0.42 -1.26 14.18
C ALA B 291 0.04 -1.24 12.71
N CYS B 292 0.96 -1.70 11.85
CA CYS B 292 0.75 -1.62 10.42
C CYS B 292 1.44 -2.80 9.75
N GLY B 293 1.08 -2.98 8.48
CA GLY B 293 1.59 -4.07 7.66
C GLY B 293 1.15 -5.46 8.05
N VAL B 295 1.24 -7.47 10.58
CA VAL B 295 0.46 -7.69 11.78
C VAL B 295 -0.97 -7.22 11.57
N GLN B 296 -1.12 -6.09 10.89
CA GLN B 296 -2.43 -5.49 10.67
C GLN B 296 -3.38 -6.33 9.83
N ASP B 297 -2.87 -6.95 8.77
CA ASP B 297 -3.70 -7.64 7.80
C ASP B 297 -3.51 -9.15 7.88
N LYS B 298 -4.62 -9.88 7.83
CA LYS B 298 -4.62 -11.33 7.76
C LYS B 298 -5.35 -11.87 6.53
N ARG B 299 -6.05 -11.03 5.79
CA ARG B 299 -6.83 -11.47 4.64
C ARG B 299 -6.05 -11.36 3.33
N TYR B 300 -5.13 -10.41 3.22
CA TYR B 300 -4.37 -10.18 2.00
C TYR B 300 -2.91 -10.59 2.11
N ARG B 301 -2.25 -10.27 3.22
CA ARG B 301 -0.92 -10.79 3.53
C ARG B 301 0.09 -10.49 2.43
N GLN B 302 0.13 -9.24 2.00
CA GLN B 302 0.95 -8.83 0.88
C GLN B 302 1.89 -7.69 1.27
N ALA B 303 2.93 -7.50 0.46
CA ALA B 303 3.95 -6.51 0.81
C ALA B 303 3.57 -5.11 0.33
N ILE B 304 2.83 -5.00 -0.77
CA ILE B 304 2.38 -3.68 -1.23
C ILE B 304 1.33 -3.13 -0.27
N THR B 305 0.41 -3.98 0.18
CA THR B 305 -0.57 -3.55 1.17
C THR B 305 0.11 -3.20 2.49
N SER B 306 1.15 -3.94 2.86
CA SER B 306 1.90 -3.63 4.07
C SER B 306 2.62 -2.30 3.93
N ALA B 307 3.17 -2.01 2.76
CA ALA B 307 3.82 -0.72 2.54
C ALA B 307 2.80 0.43 2.62
N GLY B 308 1.61 0.21 2.05
CA GLY B 308 0.58 1.22 2.16
C GLY B 308 0.16 1.48 3.60
N SER B 309 -0.04 0.39 4.36
CA SER B 309 -0.41 0.54 5.76
C SER B 309 0.74 1.13 6.58
N GLY B 310 1.99 0.93 6.16
CA GLY B 310 3.10 1.58 6.83
C GLY B 310 3.13 3.08 6.58
N CYS B 311 2.85 3.48 5.34
CA CYS B 311 2.65 4.90 5.07
C CYS B 311 1.52 5.47 5.91
N ILE B 312 0.43 4.71 6.04
CA ILE B 312 -0.70 5.13 6.89
C ILE B 312 -0.23 5.33 8.33
N ALA B 313 0.54 4.36 8.84
CA ALA B 313 1.01 4.44 10.22
C ALA B 313 1.92 5.64 10.42
N ALA B 314 2.80 5.93 9.45
CA ALA B 314 3.67 7.09 9.56
C ALA B 314 2.87 8.39 9.55
N LEU B 315 1.88 8.48 8.67
CA LEU B 315 1.08 9.70 8.60
C LEU B 315 0.30 9.92 9.89
N GLU B 316 -0.34 8.86 10.41
CA GLU B 316 -1.08 8.99 11.65
C GLU B 316 -0.15 9.24 12.83
N ALA B 317 1.08 8.71 12.79
CA ALA B 317 2.05 8.99 13.83
C ALA B 317 2.40 10.47 13.85
N GLU B 318 2.69 11.04 12.69
CA GLU B 318 2.95 12.48 12.61
C GLU B 318 1.75 13.28 13.11
N LYS B 319 0.55 12.90 12.66
CA LYS B 319 -0.67 13.56 13.10
C LYS B 319 -0.79 13.55 14.61
N PHE B 320 -0.42 12.44 15.25
CA PHE B 320 -0.50 12.37 16.70
C PHE B 320 0.59 13.21 17.37
N ILE B 321 1.82 13.15 16.87
CA ILE B 321 2.90 13.94 17.45
C ILE B 321 2.57 15.43 17.40
N ALA B 322 1.84 15.85 16.36
CA ALA B 322 1.43 17.25 16.29
C ALA B 322 0.55 17.64 17.48
N GLU B 323 -0.33 16.74 17.92
CA GLU B 323 -1.23 17.05 19.02
C GLU B 323 -0.54 16.98 20.38
N ALA B 324 0.41 16.05 20.53
CA ALA B 324 1.08 15.90 21.82
C ALA B 324 1.99 17.08 22.14
N GLU B 325 2.62 17.67 21.13
CA GLU B 325 3.52 18.78 21.35
C GLU B 325 2.76 20.02 21.78
N SER B 326 3.35 20.78 22.70
CA SER B 326 2.73 22.00 23.20
C SER B 326 3.55 23.23 22.84
PA NAP C . -12.50 22.23 1.03
O1A NAP C . -12.54 21.49 -0.33
O2A NAP C . -13.90 22.74 1.40
O5B NAP C . -11.44 23.50 0.96
C5B NAP C . -11.03 23.93 -0.33
C4B NAP C . -10.49 25.39 -0.23
O4B NAP C . -10.10 25.80 -1.41
C3B NAP C . -11.67 26.33 0.12
O3B NAP C . -11.56 26.77 1.39
C2B NAP C . -11.45 27.47 -0.88
O2B NAP C . -11.42 28.79 -0.17
C1B NAP C . -10.29 27.20 -1.46
N9A NAP C . -10.38 27.65 -2.82
C8A NAP C . -11.19 27.36 -3.84
N7A NAP C . -10.82 28.11 -4.91
C5A NAP C . -9.75 28.86 -4.53
C6A NAP C . -8.99 29.78 -5.24
N6A NAP C . -9.01 30.29 -6.56
N1A NAP C . -7.97 30.40 -4.63
C2A NAP C . -7.69 30.14 -3.33
N3A NAP C . -8.44 29.22 -2.64
C4A NAP C . -9.47 28.58 -3.25
O3 NAP C . -11.97 21.15 2.23
PN NAP C . -10.42 20.58 2.33
O1N NAP C . -9.56 21.33 1.37
O2N NAP C . -9.91 20.75 3.71
O5D NAP C . -10.40 18.96 1.93
P2B NAP C . -12.91 29.42 0.33
O1X NAP C . -13.04 29.22 1.81
O2X NAP C . -14.01 28.69 -0.38
O3X NAP C . -12.99 30.90 -0.01
PA FAD D . -4.28 8.03 -10.57
O1A FAD D . -3.41 7.01 -11.27
O2A FAD D . -3.41 9.04 -9.86
O5B FAD D . -5.24 8.80 -11.67
C5B FAD D . -6.35 8.09 -12.14
C4B FAD D . -6.40 8.12 -13.69
O4B FAD D . -7.59 7.76 -14.09
C3B FAD D . -6.18 9.56 -14.20
O3B FAD D . -4.93 9.70 -14.71
C2B FAD D . -7.23 9.71 -15.31
O2B FAD D . -6.58 10.09 -16.59
C1B FAD D . -7.79 8.28 -15.39
N9A FAD D . -9.19 8.31 -15.72
C8A FAD D . -10.13 9.08 -15.17
N7A FAD D . -11.30 8.81 -15.76
C5A FAD D . -11.07 7.87 -16.68
C6A FAD D . -11.86 7.21 -17.58
N6A FAD D . -13.28 7.44 -17.70
N1A FAD D . -11.44 6.29 -18.43
C2A FAD D . -10.13 5.99 -18.39
N3A FAD D . -9.29 6.63 -17.51
C4A FAD D . -9.77 7.56 -16.66
N1 FAD D . 2.33 10.16 -4.20
C2 FAD D . 3.53 9.44 -3.69
O2 FAD D . 3.40 8.37 -3.20
N3 FAD D . 4.87 10.07 -3.79
C4 FAD D . 4.99 11.39 -4.40
O4 FAD D . 6.06 11.91 -4.49
C4X FAD D . 3.76 12.10 -4.92
N5 FAD D . 3.89 13.42 -5.52
C5X FAD D . 2.68 14.13 -6.03
C6 FAD D . 2.81 15.41 -6.60
C7 FAD D . 1.69 16.08 -7.08
C7M FAD D . 2.21 17.40 -7.63
C8 FAD D . 0.42 15.49 -6.98
C8M FAD D . -0.75 16.30 -7.53
C9 FAD D . 0.29 14.23 -6.40
C9A FAD D . 1.41 13.54 -5.92
N10 FAD D . 1.27 12.18 -5.30
C10 FAD D . 2.45 11.49 -4.80
C1' FAD D . -0.03 11.55 -5.19
C2' FAD D . -0.52 11.08 -6.56
O2' FAD D . -1.74 11.70 -6.84
C3' FAD D . -0.71 9.56 -6.58
O3' FAD D . -0.39 9.12 -7.87
C4' FAD D . -2.15 9.25 -6.21
O4' FAD D . -2.24 9.06 -4.82
C5' FAD D . -2.62 7.98 -6.92
O5' FAD D . -3.97 8.13 -7.26
P FAD D . -4.78 6.86 -7.94
O1P FAD D . -3.88 5.65 -7.99
O2P FAD D . -5.99 6.53 -7.11
O3P FAD D . -5.25 7.27 -9.47
PA NAP E . -4.91 -23.12 11.76
O1A NAP E . -3.69 -23.12 12.71
O2A NAP E . -6.17 -23.54 12.53
O5B NAP E . -4.64 -24.18 10.50
C5B NAP E . -3.62 -25.15 10.66
C4B NAP E . -3.91 -26.40 9.81
O4B NAP E . -2.79 -26.99 9.48
C3B NAP E . -4.68 -27.43 10.66
O3B NAP E . -5.61 -28.06 9.92
C2B NAP E . -3.56 -28.40 11.04
O2B NAP E . -4.09 -29.81 11.03
C1B NAP E . -2.64 -28.24 10.11
N9A NAP E . -1.36 -28.31 10.72
C8A NAP E . -0.85 -27.85 11.86
N7A NAP E . 0.44 -28.25 11.94
C5A NAP E . 0.73 -28.97 10.84
C6A NAP E . 1.89 -29.60 10.42
N6A NAP E . 3.19 -29.74 10.97
N1A NAP E . 1.91 -30.27 9.26
C2A NAP E . 0.79 -30.33 8.49
N3A NAP E . -0.36 -29.70 8.90
C4A NAP E . -0.37 -29.02 10.08
O3 NAP E . -5.13 -21.55 11.14
PN NAP E . -5.68 -21.22 9.62
O1N NAP E . -4.86 -21.96 8.62
O2N NAP E . -5.55 -19.75 9.35
O5D NAP E . -7.27 -21.66 9.50
P2B NAP E . -5.35 -30.20 12.06
O1X NAP E . -5.40 -29.20 13.19
O2X NAP E . -6.66 -30.19 11.32
O3X NAP E . -5.11 -31.60 12.63
PA FAD F . 7.71 -8.55 7.95
O1A FAD F . 8.22 -8.61 6.53
O2A FAD F . 7.09 -9.87 8.33
O5B FAD F . 8.97 -8.21 8.97
C5B FAD F . 9.24 -9.08 10.03
C4B FAD F . 10.43 -8.51 10.86
O4B FAD F . 10.03 -8.24 12.08
C3B FAD F . 11.53 -9.59 10.96
O3B FAD F . 12.58 -9.28 10.19
C2B FAD F . 11.93 -9.55 12.45
O2B FAD F . 13.40 -9.37 12.59
C1B FAD F . 11.17 -8.30 12.93
N9A FAD F . 10.78 -8.47 14.31
C8A FAD F . 9.88 -9.33 14.80
N7A FAD F . 9.83 -9.17 16.12
C5A FAD F . 10.71 -8.21 16.44
C6A FAD F . 11.09 -7.61 17.61
N6A FAD F . 10.54 -7.98 18.90
N1A FAD F . 11.98 -6.66 17.73
C2A FAD F . 12.57 -6.24 16.58
N3A FAD F . 12.22 -6.79 15.39
C4A FAD F . 11.30 -7.78 15.33
N1 FAD F . 4.46 -10.67 -0.30
C2 FAD F . 4.57 -10.02 -1.63
O2 FAD F . 4.10 -8.96 -1.81
N3 FAD F . 5.27 -10.72 -2.74
C4 FAD F . 5.85 -12.03 -2.51
O4 FAD F . 6.41 -12.60 -3.39
C4X FAD F . 5.73 -12.68 -1.15
N5 FAD F . 6.30 -13.99 -0.93
C5X FAD F . 6.19 -14.64 0.41
C6 FAD F . 6.75 -15.90 0.62
C7 FAD F . 6.65 -16.52 1.86
C7M FAD F . 7.36 -17.85 1.69
C8 FAD F . 5.99 -15.88 2.91
C8M FAD F . 5.93 -16.62 4.24
C9 FAD F . 5.43 -14.61 2.71
C9A FAD F . 5.53 -13.98 1.46
N10 FAD F . 4.93 -12.63 1.24
C10 FAD F . 5.03 -12.00 -0.07
C1' FAD F . 4.24 -11.92 2.32
C2' FAD F . 5.24 -11.42 3.36
O2' FAD F . 4.88 -11.89 4.63
C3' FAD F . 5.30 -9.89 3.38
O3' FAD F . 6.53 -9.49 3.91
C4' FAD F . 4.20 -9.33 4.28
O4' FAD F . 2.99 -9.31 3.60
C5' FAD F . 4.59 -7.91 4.68
O5' FAD F . 5.58 -7.97 5.68
P FAD F . 5.30 -7.14 7.09
O1P FAD F . 5.10 -5.68 6.79
O2P FAD F . 4.06 -7.70 7.76
O3P FAD F . 6.61 -7.33 8.08
#